data_2X0D
#
_entry.id   2X0D
#
_cell.length_a   75.987
_cell.length_b   75.482
_cell.length_c   78.059
_cell.angle_alpha   90.00
_cell.angle_beta   103.30
_cell.angle_gamma   90.00
#
_symmetry.space_group_name_H-M   'P 1 21 1'
#
loop_
_entity.id
_entity.type
_entity.pdbx_description
1 polymer WSAF
2 non-polymer GLYCEROL
3 water water
#
_entity_poly.entity_id   1
_entity_poly.type   'polypeptide(L)'
_entity_poly.pdbx_seq_one_letter_code
;(MSE)LQKLIQILRRNEYVKNVYKNTVSNFIETSIPEITPFNARTSSIKGKRLNLLVPSINQEH(MSE)FGGISTALKLF
EQFDNKKFKKRIILTDATPNPKDLQSFKSFKYV(MSE)PEEDKDFALQIVPFNDRYNRTIPVAKHDIFIATAWWTAYAAQ
RIVSWQSDTYGIPPNKILYIIQDFEPGFYQWSSQYVLAESTYKYRGPQIAVFNSELLKQYFNNKGYNFTDEYFFQPKINT
TLKNYINDKRQKEKIILVYGRPSVKRNAFTLIVEALKIFVQKYDRSNEWKIISVGEKHKDIALGKGIHLNSLGKLTLEDY
ADLLKRSSIGISL(MSE)ISPHPSYPPLE(MSE)AHFGLRVITNKYENKDLSNWHSNIVSLEQLNPENIAETLVELC
(MSE)SFNNRDVDKKESSN(MSE)(MSE)FYINEFNEFSFIKEIEEKL
;
_entity_poly.pdbx_strand_id   A,B
#
loop_
_chem_comp.id
_chem_comp.type
_chem_comp.name
_chem_comp.formula
GOL non-polymer GLYCEROL 'C3 H8 O3'
#
# COMPACT_ATOMS: atom_id res chain seq x y z
N PHE A 26 -11.41 13.68 -16.69
CA PHE A 26 -10.35 13.99 -15.69
C PHE A 26 -9.55 12.73 -15.31
N ILE A 27 -8.31 12.66 -15.85
CA ILE A 27 -7.33 11.68 -15.37
C ILE A 27 -6.44 12.36 -14.36
N GLU A 28 -5.87 11.58 -13.46
CA GLU A 28 -4.95 12.12 -12.47
C GLU A 28 -3.71 12.67 -13.18
N THR A 29 -3.48 13.98 -13.02
CA THR A 29 -2.34 14.68 -13.63
C THR A 29 -1.31 15.11 -12.58
N SER A 30 -1.76 15.83 -11.55
CA SER A 30 -0.86 16.34 -10.53
C SER A 30 -1.22 15.84 -9.15
N ILE A 31 -0.36 16.16 -8.18
CA ILE A 31 -0.44 15.58 -6.85
C ILE A 31 -0.79 16.70 -5.85
N PRO A 32 -2.02 16.72 -5.33
CA PRO A 32 -2.50 17.81 -4.46
C PRO A 32 -1.70 17.93 -3.17
N GLU A 33 -1.23 16.80 -2.63
CA GLU A 33 -0.49 16.79 -1.37
C GLU A 33 0.77 17.64 -1.41
N ILE A 34 1.32 17.84 -2.62
CA ILE A 34 2.58 18.55 -2.78
C ILE A 34 2.48 19.94 -3.45
N THR A 35 1.28 20.53 -3.44
CA THR A 35 1.12 21.93 -3.84
C THR A 35 2.22 22.76 -3.17
N PRO A 36 2.97 23.56 -3.95
CA PRO A 36 4.05 24.34 -3.37
C PRO A 36 3.64 25.16 -2.15
N PHE A 37 4.59 25.31 -1.24
CA PHE A 37 4.41 25.89 0.06
C PHE A 37 5.38 27.04 0.12
N ASN A 38 5.00 28.16 -0.48
CA ASN A 38 5.94 29.27 -0.67
C ASN A 38 6.08 30.18 0.54
N ALA A 39 7.32 30.64 0.76
CA ALA A 39 7.64 31.49 1.88
C ALA A 39 8.18 32.84 1.38
N ARG A 40 8.18 33.81 2.28
CA ARG A 40 8.86 35.09 2.08
C ARG A 40 9.63 35.30 3.38
N THR A 41 10.59 36.21 3.38
CA THR A 41 11.41 36.45 4.57
C THR A 41 10.68 37.31 5.60
N SER A 42 11.18 37.26 6.83
CA SER A 42 10.63 38.01 7.95
C SER A 42 11.75 38.61 8.80
N SER A 43 11.41 39.66 9.55
CA SER A 43 12.34 40.37 10.45
C SER A 43 12.39 39.79 11.85
N ILE A 44 11.39 38.95 12.15
CA ILE A 44 11.22 38.33 13.47
C ILE A 44 12.49 37.64 13.94
N LYS A 45 12.84 37.87 15.21
CA LYS A 45 14.20 37.62 15.72
C LYS A 45 14.45 36.33 16.49
N GLY A 46 13.54 35.92 17.36
CA GLY A 46 13.83 34.79 18.24
C GLY A 46 13.64 33.43 17.60
N LYS A 47 13.81 32.38 18.40
CA LYS A 47 13.51 31.03 17.95
C LYS A 47 12.01 30.85 18.00
N ARG A 48 11.44 30.36 16.92
CA ARG A 48 10.01 30.12 16.85
C ARG A 48 9.71 28.72 16.32
N LEU A 49 8.99 27.93 17.12
CA LEU A 49 8.56 26.59 16.70
C LEU A 49 7.28 26.67 15.91
N ASN A 50 7.29 26.01 14.75
CA ASN A 50 6.18 26.03 13.80
C ASN A 50 5.58 24.64 13.60
N LEU A 51 4.43 24.39 14.18
CA LEU A 51 3.77 23.09 14.01
C LEU A 51 2.91 23.06 12.74
N LEU A 52 3.29 22.25 11.78
CA LEU A 52 2.49 22.07 10.58
C LEU A 52 1.49 20.93 10.80
N VAL A 53 0.21 21.28 10.80
CA VAL A 53 -0.87 20.29 10.91
C VAL A 53 -1.96 20.51 9.85
N PRO A 54 -2.49 19.40 9.28
CA PRO A 54 -3.56 19.49 8.28
C PRO A 54 -4.74 20.30 8.77
N SER A 55 -5.13 20.08 10.02
CA SER A 55 -6.33 20.69 10.57
C SER A 55 -6.30 20.76 12.09
N ILE A 56 -7.00 21.73 12.65
CA ILE A 56 -7.28 21.78 14.09
C ILE A 56 -8.79 21.76 14.36
N ASN A 57 -9.57 21.38 13.35
CA ASN A 57 -11.03 21.23 13.50
C ASN A 57 -11.36 20.09 14.45
N GLN A 58 -12.27 20.35 15.39
CA GLN A 58 -12.73 19.31 16.34
C GLN A 58 -13.19 18.07 15.56
N GLU A 59 -13.89 18.34 14.46
CA GLU A 59 -14.15 17.40 13.36
C GLU A 59 -13.01 16.41 13.09
N HIS A 60 -11.78 16.91 13.06
CA HIS A 60 -10.59 16.09 12.75
C HIS A 60 -9.71 15.83 13.97
N MSE A 61 -10.17 16.24 15.14
CA MSE A 61 -9.43 16.07 16.40
C MSE A 61 -9.39 14.61 16.85
O MSE A 61 -9.90 14.27 17.94
CB MSE A 61 -10.04 16.96 17.49
CG MSE A 61 -9.13 17.22 18.68
SE MSE A 61 -7.47 18.05 18.11
CE MSE A 61 -8.17 19.75 17.48
N PHE A 62 -8.81 13.75 16.01
CA PHE A 62 -8.62 12.32 16.33
C PHE A 62 -7.13 12.08 16.53
N GLY A 63 -6.81 10.86 16.97
CA GLY A 63 -5.45 10.29 16.98
C GLY A 63 -4.23 11.18 16.78
N GLY A 64 -3.72 11.21 15.55
CA GLY A 64 -2.46 11.90 15.21
C GLY A 64 -2.37 13.38 15.57
N ILE A 65 -3.37 14.14 15.14
CA ILE A 65 -3.39 15.59 15.33
C ILE A 65 -3.51 15.93 16.81
N SER A 66 -4.36 15.20 17.52
CA SER A 66 -4.53 15.34 18.96
C SER A 66 -3.23 15.05 19.73
N THR A 67 -2.50 14.03 19.31
CA THR A 67 -1.20 13.70 19.89
C THR A 67 -0.14 14.77 19.60
N ALA A 68 -0.05 15.22 18.36
CA ALA A 68 0.90 16.26 17.97
C ALA A 68 0.69 17.53 18.78
N LEU A 69 -0.56 17.91 18.97
CA LEU A 69 -0.88 19.11 19.75
C LEU A 69 -0.49 18.98 21.22
N LYS A 70 -0.67 17.78 21.76
CA LYS A 70 -0.36 17.51 23.15
C LYS A 70 1.16 17.63 23.32
N LEU A 71 1.88 17.04 22.38
CA LEU A 71 3.34 17.07 22.33
C LEU A 71 3.87 18.51 22.16
N PHE A 72 3.32 19.23 21.18
CA PHE A 72 3.68 20.64 20.94
C PHE A 72 3.48 21.49 22.18
N GLU A 73 2.42 21.21 22.92
CA GLU A 73 2.11 21.90 24.19
C GLU A 73 3.20 21.75 25.28
N GLN A 74 4.00 20.70 25.19
CA GLN A 74 5.08 20.44 26.16
C GLN A 74 6.30 21.34 25.97
N PHE A 75 6.45 21.93 24.79
CA PHE A 75 7.59 22.78 24.53
C PHE A 75 7.43 24.06 25.35
N ASP A 76 8.53 24.54 25.90
CA ASP A 76 8.52 25.66 26.84
C ASP A 76 8.23 26.96 26.11
N ASN A 77 7.07 27.54 26.41
CA ASN A 77 6.62 28.82 25.84
C ASN A 77 7.53 29.98 26.21
N LYS A 78 8.20 29.86 27.34
CA LYS A 78 9.15 30.88 27.81
C LYS A 78 10.41 30.90 26.96
N LYS A 79 10.71 29.78 26.29
CA LYS A 79 11.94 29.64 25.52
C LYS A 79 11.70 29.78 24.01
N PHE A 80 10.47 29.50 23.57
CA PHE A 80 10.13 29.53 22.15
C PHE A 80 8.80 30.23 21.90
N LYS A 81 8.78 31.10 20.89
CA LYS A 81 7.52 31.55 20.31
C LYS A 81 6.91 30.35 19.57
N LYS A 82 5.61 30.43 19.27
CA LYS A 82 4.89 29.28 18.78
C LYS A 82 3.86 29.66 17.71
N ARG A 83 3.89 28.94 16.60
CA ARG A 83 2.95 29.16 15.52
C ARG A 83 2.45 27.84 14.99
N ILE A 84 1.15 27.73 14.84
CA ILE A 84 0.55 26.58 14.21
C ILE A 84 0.12 26.98 12.79
N ILE A 85 0.63 26.25 11.81
CA ILE A 85 0.30 26.50 10.41
C ILE A 85 -0.66 25.43 9.89
N LEU A 86 -1.86 25.84 9.47
CA LEU A 86 -2.88 24.90 9.02
C LEU A 86 -2.67 24.64 7.53
N THR A 87 -2.45 23.37 7.18
CA THR A 87 -2.09 23.01 5.80
C THR A 87 -3.26 22.53 4.89
N ASP A 88 -4.35 22.06 5.48
CA ASP A 88 -5.42 21.42 4.70
C ASP A 88 -6.82 21.99 4.89
N ALA A 89 -7.15 22.41 6.10
CA ALA A 89 -8.50 22.89 6.40
C ALA A 89 -8.48 24.07 7.39
N THR A 90 -9.40 25.01 7.19
CA THR A 90 -9.53 26.18 8.08
C THR A 90 -10.58 25.93 9.16
N PRO A 91 -10.39 26.48 10.37
CA PRO A 91 -11.30 26.25 11.49
C PRO A 91 -12.57 27.11 11.52
N ASN A 92 -13.59 26.62 12.25
CA ASN A 92 -14.76 27.41 12.67
C ASN A 92 -14.37 28.35 13.82
N PRO A 93 -15.19 29.37 14.11
CA PRO A 93 -15.07 30.08 15.40
C PRO A 93 -15.17 29.10 16.58
N LYS A 94 -16.06 28.12 16.44
CA LYS A 94 -16.23 27.03 17.39
C LYS A 94 -14.89 26.31 17.62
N ASP A 95 -14.23 25.94 16.52
CA ASP A 95 -12.94 25.26 16.58
C ASP A 95 -11.88 26.06 17.35
N LEU A 96 -11.82 27.37 17.10
CA LEU A 96 -10.80 28.23 17.70
C LEU A 96 -10.95 28.44 19.21
N GLN A 97 -12.13 28.07 19.74
CA GLN A 97 -12.43 28.16 21.17
C GLN A 97 -11.51 27.31 22.04
N SER A 98 -10.99 26.21 21.51
CA SER A 98 -10.01 25.39 22.25
C SER A 98 -8.56 25.88 22.08
N PHE A 99 -8.39 27.02 21.41
CA PHE A 99 -7.10 27.70 21.23
C PHE A 99 -7.25 29.20 21.53
N LYS A 100 -7.82 29.51 22.70
CA LYS A 100 -8.13 30.89 23.08
C LYS A 100 -6.88 31.76 23.25
N SER A 101 -5.81 31.15 23.74
CA SER A 101 -4.56 31.85 24.00
C SER A 101 -3.78 32.20 22.71
N PHE A 102 -4.20 31.63 21.59
CA PHE A 102 -3.54 31.86 20.30
C PHE A 102 -4.24 32.94 19.47
N LYS A 103 -3.45 33.71 18.73
CA LYS A 103 -3.99 34.73 17.85
C LYS A 103 -4.17 34.16 16.43
N TYR A 104 -5.34 34.39 15.85
CA TYR A 104 -5.63 33.91 14.51
C TYR A 104 -5.27 35.02 13.51
N VAL A 105 -4.32 34.69 12.63
CA VAL A 105 -3.59 35.67 11.80
C VAL A 105 -3.50 35.20 10.36
N MSE A 106 -3.76 36.10 9.41
CA MSE A 106 -3.68 35.80 7.97
CA MSE A 106 -3.68 35.77 7.99
C MSE A 106 -2.22 35.68 7.54
O MSE A 106 -1.34 36.28 8.18
CB MSE A 106 -4.40 36.87 7.13
CB MSE A 106 -4.49 36.74 7.12
CG MSE A 106 -5.88 37.11 7.46
CG MSE A 106 -6.01 36.61 7.28
SE MSE A 106 -7.06 35.55 7.26
SE MSE A 106 -6.70 34.78 7.06
CE MSE A 106 -6.77 34.73 9.00
CE MSE A 106 -6.98 34.79 5.13
N PRO A 107 -1.93 34.91 6.46
CA PRO A 107 -0.51 34.78 6.05
C PRO A 107 0.08 36.04 5.42
N GLU A 108 -0.76 36.93 4.90
CA GLU A 108 -0.34 38.22 4.37
C GLU A 108 0.27 39.10 5.47
N GLU A 109 -0.11 38.82 6.71
CA GLU A 109 0.38 39.55 7.88
C GLU A 109 1.70 38.98 8.37
N ASP A 110 2.42 39.77 9.15
CA ASP A 110 3.68 39.35 9.75
C ASP A 110 3.82 40.03 11.10
N LYS A 111 3.35 39.33 12.13
CA LYS A 111 3.24 39.91 13.48
C LYS A 111 4.00 39.07 14.52
N ASP A 112 4.71 39.74 15.41
CA ASP A 112 5.57 39.04 16.37
C ASP A 112 4.83 38.59 17.64
N PHE A 113 3.71 37.89 17.47
CA PHE A 113 2.97 37.32 18.59
C PHE A 113 3.72 36.14 19.20
N ALA A 114 3.55 35.96 20.51
CA ALA A 114 4.10 34.80 21.21
C ALA A 114 3.38 33.53 20.75
N LEU A 115 2.07 33.64 20.50
CA LEU A 115 1.24 32.48 20.14
C LEU A 115 0.29 32.85 19.02
N GLN A 116 0.36 32.11 17.91
CA GLN A 116 -0.49 32.40 16.75
C GLN A 116 -0.83 31.16 15.89
N ILE A 117 -1.92 31.27 15.14
CA ILE A 117 -2.38 30.23 14.22
C ILE A 117 -2.58 30.86 12.85
N VAL A 118 -2.06 30.22 11.81
CA VAL A 118 -2.14 30.77 10.47
C VAL A 118 -2.74 29.77 9.48
N PRO A 119 -3.85 30.14 8.82
CA PRO A 119 -4.44 29.28 7.81
C PRO A 119 -3.68 29.38 6.49
N PHE A 120 -3.34 28.24 5.91
CA PHE A 120 -2.50 28.19 4.72
C PHE A 120 -2.80 26.91 3.92
N ASN A 121 -4.08 26.60 3.76
CA ASN A 121 -4.51 25.47 2.92
C ASN A 121 -4.90 25.92 1.52
N ASP A 122 -5.01 27.23 1.35
CA ASP A 122 -5.22 27.84 0.05
C ASP A 122 -4.00 28.72 -0.18
N ARG A 123 -3.06 28.19 -0.95
CA ARG A 123 -1.69 28.68 -0.96
C ARG A 123 -1.26 29.29 -2.28
N TYR A 124 -2.06 29.07 -3.32
CA TYR A 124 -1.64 29.45 -4.66
C TYR A 124 -1.31 30.92 -4.72
N ASN A 125 -0.08 31.21 -5.11
CA ASN A 125 0.40 32.58 -5.30
C ASN A 125 0.35 33.40 -4.00
N ARG A 126 0.32 32.71 -2.87
CA ARG A 126 0.40 33.33 -1.56
C ARG A 126 1.63 32.80 -0.87
N THR A 127 2.15 33.55 0.08
CA THR A 127 3.30 33.12 0.84
C THR A 127 3.01 33.19 2.33
N ILE A 128 3.86 32.53 3.10
CA ILE A 128 3.84 32.63 4.56
C ILE A 128 5.21 33.20 5.02
N PRO A 129 5.21 34.10 6.02
CA PRO A 129 6.49 34.66 6.49
C PRO A 129 7.33 33.64 7.24
N VAL A 130 8.56 33.41 6.79
CA VAL A 130 9.44 32.45 7.45
C VAL A 130 10.70 33.15 7.92
N ALA A 131 10.91 33.16 9.24
CA ALA A 131 12.02 33.86 9.88
C ALA A 131 13.28 33.03 9.79
N LYS A 132 14.42 33.68 9.99
CA LYS A 132 15.73 33.05 9.99
C LYS A 132 15.78 31.82 10.90
N HIS A 133 15.31 31.97 12.13
CA HIS A 133 15.32 30.88 13.08
C HIS A 133 13.96 30.21 13.29
N ASP A 134 13.11 30.26 12.27
CA ASP A 134 11.91 29.45 12.27
C ASP A 134 12.26 27.98 12.16
N ILE A 135 11.79 27.22 13.14
CA ILE A 135 12.00 25.78 13.21
C ILE A 135 10.69 25.06 12.93
N PHE A 136 10.73 24.00 12.11
CA PHE A 136 9.51 23.31 11.72
C PHE A 136 9.31 21.92 12.35
N ILE A 137 8.07 21.66 12.74
CA ILE A 137 7.66 20.39 13.31
C ILE A 137 6.58 19.84 12.38
N ALA A 138 6.91 18.75 11.69
CA ALA A 138 6.03 18.13 10.69
C ALA A 138 5.21 17.05 11.34
N THR A 139 4.02 16.80 10.80
CA THR A 139 3.17 15.72 11.27
C THR A 139 2.88 14.76 10.13
N ALA A 140 1.91 15.11 9.29
CA ALA A 140 1.56 14.30 8.13
C ALA A 140 2.70 14.38 7.12
N TRP A 141 2.91 13.31 6.36
CA TRP A 141 4.07 13.26 5.44
C TRP A 141 4.18 14.47 4.51
N TRP A 142 3.05 14.96 4.01
CA TRP A 142 3.09 16.14 3.11
C TRP A 142 3.50 17.42 3.82
N THR A 143 3.22 17.53 5.12
CA THR A 143 3.78 18.64 5.94
C THR A 143 5.32 18.56 6.07
N ALA A 144 5.87 17.35 6.23
CA ALA A 144 7.34 17.13 6.23
C ALA A 144 7.92 17.36 4.82
N TYR A 145 7.15 16.97 3.82
CA TYR A 145 7.54 17.21 2.44
C TYR A 145 7.74 18.72 2.25
N ALA A 146 6.77 19.53 2.71
CA ALA A 146 6.89 20.98 2.61
C ALA A 146 8.02 21.52 3.51
N ALA A 147 8.12 21.04 4.74
CA ALA A 147 9.14 21.55 5.69
C ALA A 147 10.55 21.43 5.13
N GLN A 148 10.81 20.29 4.51
CA GLN A 148 12.12 19.98 3.92
C GLN A 148 12.45 20.92 2.75
N ARG A 149 11.43 21.41 2.05
CA ARG A 149 11.63 22.42 0.98
C ARG A 149 11.75 23.84 1.54
N ILE A 150 11.03 24.15 2.61
CA ILE A 150 11.19 25.44 3.28
C ILE A 150 12.59 25.57 3.86
N VAL A 151 13.06 24.53 4.54
CA VAL A 151 14.41 24.51 5.12
C VAL A 151 15.52 24.83 4.10
N SER A 152 15.42 24.25 2.90
CA SER A 152 16.39 24.51 1.83
CA SER A 152 16.42 24.53 1.87
C SER A 152 16.31 25.97 1.36
N TRP A 153 15.08 26.46 1.14
CA TRP A 153 14.89 27.85 0.76
C TRP A 153 15.43 28.77 1.86
N GLN A 154 15.16 28.44 3.11
CA GLN A 154 15.59 29.22 4.28
C GLN A 154 17.11 29.30 4.33
N SER A 155 17.78 28.15 4.29
CA SER A 155 19.24 28.06 4.17
C SER A 155 19.88 28.97 3.09
N ASP A 156 19.34 28.92 1.87
CA ASP A 156 19.84 29.73 0.77
C ASP A 156 19.57 31.21 0.97
N THR A 157 18.38 31.51 1.47
CA THR A 157 17.94 32.90 1.63
C THR A 157 18.71 33.63 2.71
N TYR A 158 18.97 32.97 3.83
CA TYR A 158 19.64 33.62 4.95
C TYR A 158 21.14 33.28 5.05
N GLY A 159 21.63 32.44 4.15
CA GLY A 159 23.04 32.03 4.15
C GLY A 159 23.44 31.26 5.40
N ILE A 160 22.58 30.36 5.84
CA ILE A 160 22.80 29.61 7.08
C ILE A 160 22.84 28.10 6.83
N PRO A 161 23.48 27.34 7.74
CA PRO A 161 23.34 25.88 7.67
C PRO A 161 21.87 25.49 7.89
N PRO A 162 21.43 24.39 7.26
CA PRO A 162 20.03 23.97 7.40
C PRO A 162 19.61 23.75 8.86
N ASN A 163 18.49 24.35 9.27
CA ASN A 163 17.91 24.10 10.60
C ASN A 163 17.35 22.68 10.69
N LYS A 164 17.33 22.12 11.89
CA LYS A 164 16.79 20.79 12.14
C LYS A 164 15.28 20.80 12.02
N ILE A 165 14.73 19.77 11.40
CA ILE A 165 13.29 19.57 11.37
C ILE A 165 12.97 18.56 12.46
N LEU A 166 11.85 18.79 13.15
CA LEU A 166 11.27 17.80 14.03
C LEU A 166 10.11 17.13 13.31
N TYR A 167 10.17 15.80 13.21
CA TYR A 167 9.21 15.04 12.45
C TYR A 167 8.53 14.07 13.42
N ILE A 168 7.27 14.34 13.71
CA ILE A 168 6.47 13.47 14.58
C ILE A 168 5.87 12.37 13.68
N ILE A 169 6.51 11.21 13.69
CA ILE A 169 6.13 10.09 12.80
C ILE A 169 5.21 9.14 13.55
N GLN A 170 3.97 9.06 13.08
CA GLN A 170 2.89 8.36 13.79
C GLN A 170 2.44 7.06 13.14
N ASP A 171 2.81 6.87 11.88
CA ASP A 171 2.71 5.58 11.23
C ASP A 171 3.68 5.57 10.06
N PHE A 172 3.90 4.40 9.48
CA PHE A 172 4.56 4.34 8.16
C PHE A 172 3.55 4.83 7.12
N GLU A 173 3.56 6.13 6.88
CA GLU A 173 2.49 6.74 6.08
C GLU A 173 2.42 6.31 4.61
N PRO A 174 3.52 5.78 4.02
CA PRO A 174 3.34 5.24 2.65
C PRO A 174 2.31 4.11 2.58
N GLY A 175 2.10 3.43 3.70
CA GLY A 175 1.12 2.35 3.79
C GLY A 175 -0.33 2.79 3.66
N PHE A 176 -0.59 4.10 3.71
CA PHE A 176 -1.91 4.67 3.45
C PHE A 176 -2.24 4.67 1.96
N TYR A 177 -1.29 4.21 1.14
CA TYR A 177 -1.47 4.21 -0.30
C TYR A 177 -1.00 2.90 -0.86
N GLN A 178 -1.62 2.50 -1.98
CA GLN A 178 -1.02 1.49 -2.83
C GLN A 178 0.33 2.03 -3.37
N TRP A 179 1.23 1.16 -3.81
CA TRP A 179 2.38 1.59 -4.60
C TRP A 179 1.93 2.51 -5.70
N SER A 180 2.46 3.74 -5.68
CA SER A 180 1.90 4.85 -6.42
C SER A 180 2.82 6.05 -6.20
N SER A 181 2.54 7.15 -6.89
CA SER A 181 3.22 8.42 -6.62
C SER A 181 3.21 8.82 -5.13
N GLN A 182 2.05 8.83 -4.50
CA GLN A 182 1.94 9.27 -3.09
C GLN A 182 2.77 8.36 -2.18
N TYR A 183 2.77 7.06 -2.44
CA TYR A 183 3.60 6.13 -1.69
C TYR A 183 5.05 6.57 -1.68
N VAL A 184 5.63 6.83 -2.85
CA VAL A 184 7.06 7.16 -2.91
C VAL A 184 7.37 8.57 -2.41
N LEU A 185 6.44 9.49 -2.63
CA LEU A 185 6.61 10.85 -2.09
C LEU A 185 6.52 10.87 -0.57
N ALA A 186 5.63 10.09 0.02
CA ALA A 186 5.57 9.96 1.47
C ALA A 186 6.86 9.30 1.98
N GLU A 187 7.32 8.23 1.31
CA GLU A 187 8.60 7.60 1.70
C GLU A 187 9.80 8.53 1.53
N SER A 188 9.73 9.44 0.54
CA SER A 188 10.83 10.37 0.27
C SER A 188 11.13 11.24 1.48
N THR A 189 10.12 11.49 2.30
CA THR A 189 10.29 12.30 3.51
C THR A 189 11.19 11.64 4.53
N TYR A 190 11.33 10.32 4.47
CA TYR A 190 12.18 9.58 5.38
C TYR A 190 13.62 9.46 4.88
N LYS A 191 13.80 9.70 3.59
CA LYS A 191 15.08 9.53 2.93
C LYS A 191 15.81 10.86 2.80
N TYR A 192 15.20 11.93 3.34
CA TYR A 192 15.76 13.27 3.35
C TYR A 192 17.09 13.25 4.11
N ARG A 193 18.10 13.89 3.54
CA ARG A 193 19.46 13.80 4.08
C ARG A 193 19.89 14.95 5.00
N GLY A 194 19.10 16.02 5.03
CA GLY A 194 19.37 17.13 5.92
C GLY A 194 18.97 16.78 7.35
N PRO A 195 19.28 17.67 8.31
CA PRO A 195 19.09 17.40 9.74
C PRO A 195 17.62 17.26 10.13
N GLN A 196 17.30 16.16 10.79
CA GLN A 196 15.92 15.79 11.05
C GLN A 196 15.83 14.88 12.29
N ILE A 197 15.03 15.33 13.25
CA ILE A 197 14.75 14.53 14.44
C ILE A 197 13.43 13.80 14.24
N ALA A 198 13.50 12.47 14.28
CA ALA A 198 12.29 11.65 14.28
C ALA A 198 11.79 11.42 15.71
N VAL A 199 10.52 11.73 15.94
CA VAL A 199 9.82 11.29 17.16
C VAL A 199 8.71 10.28 16.78
N PHE A 200 8.86 9.01 17.18
CA PHE A 200 7.93 7.98 16.73
C PHE A 200 6.81 7.74 17.70
N ASN A 201 5.59 7.59 17.18
CA ASN A 201 4.47 7.09 18.00
C ASN A 201 4.68 5.59 18.19
N SER A 202 5.21 5.22 19.35
CA SER A 202 5.52 3.82 19.73
C SER A 202 6.92 3.32 19.39
N GLU A 203 7.44 2.45 20.26
CA GLU A 203 8.74 1.81 20.03
C GLU A 203 8.71 0.84 18.86
N LEU A 204 7.67 0.01 18.78
CA LEU A 204 7.49 -0.91 17.64
C LEU A 204 7.63 -0.22 16.29
N LEU A 205 7.10 1.00 16.18
CA LEU A 205 7.14 1.76 14.92
C LEU A 205 8.57 2.24 14.63
N LYS A 206 9.26 2.72 15.66
CA LYS A 206 10.68 3.06 15.56
C LYS A 206 11.48 1.88 15.04
N GLN A 207 11.22 0.71 15.60
CA GLN A 207 11.99 -0.48 15.23
CA GLN A 207 11.98 -0.48 15.23
C GLN A 207 11.66 -0.89 13.79
N TYR A 208 10.42 -0.69 13.38
CA TYR A 208 10.05 -1.00 11.99
C TYR A 208 10.85 -0.09 11.03
N PHE A 209 10.94 1.20 11.37
CA PHE A 209 11.78 2.14 10.63
C PHE A 209 13.25 1.79 10.63
N ASN A 210 13.78 1.37 11.78
CA ASN A 210 15.19 0.92 11.86
C ASN A 210 15.46 -0.31 10.96
N ASN A 211 14.56 -1.28 10.98
CA ASN A 211 14.72 -2.49 10.18
C ASN A 211 14.73 -2.22 8.67
N LYS A 212 14.00 -1.18 8.24
CA LYS A 212 13.94 -0.76 6.83
C LYS A 212 15.14 0.10 6.43
N GLY A 213 15.89 0.60 7.42
CA GLY A 213 17.17 1.26 7.18
C GLY A 213 17.07 2.77 7.00
N TYR A 214 16.00 3.37 7.50
CA TYR A 214 15.87 4.82 7.48
C TYR A 214 16.86 5.44 8.47
N ASN A 215 17.42 6.60 8.10
CA ASN A 215 18.35 7.32 8.99
C ASN A 215 17.81 8.69 9.33
N PHE A 216 17.96 9.07 10.59
CA PHE A 216 17.60 10.41 11.04
C PHE A 216 18.74 10.91 11.90
N THR A 217 18.87 12.23 12.05
CA THR A 217 19.94 12.77 12.88
C THR A 217 19.79 12.26 14.31
N ASP A 218 18.55 12.27 14.82
CA ASP A 218 18.23 11.69 16.13
C ASP A 218 16.90 10.95 16.09
N GLU A 219 16.75 9.96 16.98
CA GLU A 219 15.50 9.20 17.09
C GLU A 219 14.97 9.18 18.51
N TYR A 220 13.67 9.40 18.65
CA TYR A 220 12.98 9.29 19.94
C TYR A 220 11.68 8.56 19.69
N PHE A 221 11.11 8.01 20.77
CA PHE A 221 9.79 7.39 20.69
C PHE A 221 9.06 7.66 22.00
N PHE A 222 7.73 7.65 21.94
CA PHE A 222 6.89 7.65 23.14
C PHE A 222 6.00 6.40 23.09
N GLN A 223 5.65 5.86 24.23
CA GLN A 223 4.89 4.62 24.26
C GLN A 223 3.41 4.89 24.50
N PRO A 224 2.53 3.99 24.03
CA PRO A 224 1.11 4.10 24.36
C PRO A 224 0.91 4.19 25.86
N LYS A 225 0.05 5.12 26.27
CA LYS A 225 -0.29 5.32 27.67
C LYS A 225 -1.82 5.29 27.82
N ILE A 226 -2.30 4.46 28.75
CA ILE A 226 -3.73 4.34 29.04
C ILE A 226 -4.37 5.71 29.27
N ASN A 227 -5.52 5.92 28.66
CA ASN A 227 -6.34 7.09 28.94
C ASN A 227 -6.58 7.20 30.44
N THR A 228 -6.50 8.44 30.93
CA THR A 228 -6.58 8.75 32.35
C THR A 228 -7.95 8.50 32.98
N THR A 229 -9.00 8.63 32.17
CA THR A 229 -10.36 8.36 32.65
C THR A 229 -10.55 6.86 32.75
N LEU A 230 -10.15 6.15 31.71
CA LEU A 230 -10.22 4.68 31.67
C LEU A 230 -9.49 4.01 32.85
N LYS A 231 -8.31 4.51 33.22
CA LYS A 231 -7.48 3.92 34.27
C LYS A 231 -8.20 3.88 35.63
N ASN A 232 -9.00 4.91 35.90
CA ASN A 232 -9.82 4.99 37.10
C ASN A 232 -10.89 3.90 37.21
N TYR A 233 -11.16 3.18 36.12
CA TYR A 233 -12.19 2.14 36.11
C TYR A 233 -11.62 0.73 36.08
N ILE A 234 -10.29 0.65 36.04
CA ILE A 234 -9.56 -0.58 35.74
C ILE A 234 -9.68 -1.61 36.88
N ASN A 235 -9.98 -1.13 38.08
CA ASN A 235 -10.10 -1.95 39.29
C ASN A 235 -11.53 -2.15 39.79
N ASP A 236 -12.51 -1.63 39.07
CA ASP A 236 -13.91 -1.92 39.35
C ASP A 236 -14.24 -3.40 39.16
N LYS A 237 -15.12 -3.92 40.01
CA LYS A 237 -15.68 -5.26 39.86
C LYS A 237 -16.39 -5.34 38.53
N ARG A 238 -16.05 -6.38 37.75
CA ARG A 238 -16.61 -6.58 36.43
C ARG A 238 -17.66 -7.68 36.48
N GLN A 239 -18.75 -7.50 35.74
CA GLN A 239 -19.73 -8.57 35.60
C GLN A 239 -19.84 -8.86 34.12
N LYS A 240 -19.00 -9.78 33.67
CA LYS A 240 -18.86 -10.12 32.25
C LYS A 240 -20.13 -10.70 31.64
N GLU A 241 -20.45 -10.20 30.46
CA GLU A 241 -21.63 -10.61 29.72
C GLU A 241 -21.21 -11.22 28.37
N LYS A 242 -22.14 -11.93 27.73
CA LYS A 242 -21.88 -12.47 26.39
C LYS A 242 -21.87 -11.39 25.30
N ILE A 243 -20.78 -10.62 25.29
CA ILE A 243 -20.60 -9.51 24.35
C ILE A 243 -19.27 -9.64 23.60
N ILE A 244 -19.33 -9.64 22.27
CA ILE A 244 -18.17 -9.46 21.43
C ILE A 244 -18.11 -7.98 21.07
N LEU A 245 -16.97 -7.35 21.34
CA LEU A 245 -16.76 -5.91 21.08
C LEU A 245 -15.79 -5.73 19.91
N VAL A 246 -16.28 -5.10 18.85
CA VAL A 246 -15.53 -4.91 17.63
C VAL A 246 -15.10 -3.43 17.52
N TYR A 247 -13.83 -3.20 17.21
CA TYR A 247 -13.38 -1.83 16.86
C TYR A 247 -13.68 -1.57 15.38
N GLY A 248 -14.75 -0.83 15.13
CA GLY A 248 -15.29 -0.65 13.79
C GLY A 248 -15.06 0.74 13.24
N ARG A 249 -14.15 0.83 12.28
CA ARG A 249 -13.91 2.07 11.59
C ARG A 249 -13.87 1.82 10.09
N PRO A 250 -15.05 1.89 9.42
CA PRO A 250 -15.16 1.75 7.97
C PRO A 250 -14.27 2.70 7.17
N SER A 251 -14.02 3.92 7.67
CA SER A 251 -13.23 4.93 6.94
CA SER A 251 -13.24 4.91 6.92
C SER A 251 -11.73 4.73 7.08
N VAL A 252 -11.29 4.04 8.12
CA VAL A 252 -9.86 3.80 8.31
C VAL A 252 -9.55 2.38 7.86
N LYS A 253 -9.02 2.25 6.65
CA LYS A 253 -8.84 0.94 6.05
C LYS A 253 -7.87 0.03 6.84
N ARG A 254 -6.89 0.66 7.50
CA ARG A 254 -5.94 0.00 8.38
C ARG A 254 -6.60 -0.84 9.47
N ASN A 255 -7.86 -0.51 9.79
CA ASN A 255 -8.63 -1.21 10.81
C ASN A 255 -9.41 -2.42 10.26
N ALA A 256 -9.36 -2.62 8.95
CA ALA A 256 -9.85 -3.83 8.27
C ALA A 256 -11.30 -4.17 8.61
N PHE A 257 -12.15 -3.14 8.55
CA PHE A 257 -13.56 -3.28 8.93
C PHE A 257 -14.25 -4.41 8.16
N THR A 258 -14.05 -4.43 6.84
CA THR A 258 -14.75 -5.39 6.00
C THR A 258 -14.30 -6.81 6.26
N LEU A 259 -13.03 -6.98 6.67
CA LEU A 259 -12.52 -8.30 7.01
C LEU A 259 -13.17 -8.76 8.32
N ILE A 260 -13.33 -7.85 9.28
CA ILE A 260 -14.02 -8.19 10.52
C ILE A 260 -15.46 -8.63 10.24
N VAL A 261 -16.17 -7.85 9.41
CA VAL A 261 -17.56 -8.18 9.05
C VAL A 261 -17.69 -9.58 8.40
N GLU A 262 -16.84 -9.88 7.41
CA GLU A 262 -16.83 -11.23 6.80
C GLU A 262 -16.53 -12.35 7.80
N ALA A 263 -15.67 -12.06 8.78
CA ALA A 263 -15.37 -13.04 9.80
C ALA A 263 -16.57 -13.29 10.72
N LEU A 264 -17.30 -12.22 11.04
CA LEU A 264 -18.49 -12.29 11.86
C LEU A 264 -19.61 -13.10 11.20
N LYS A 265 -19.75 -12.97 9.87
CA LYS A 265 -20.71 -13.76 9.09
C LYS A 265 -20.42 -15.27 9.13
N ILE A 266 -19.14 -15.66 9.01
CA ILE A 266 -18.75 -17.07 9.21
C ILE A 266 -19.02 -17.52 10.66
N PHE A 267 -18.57 -16.74 11.64
CA PHE A 267 -18.87 -17.04 13.04
C PHE A 267 -20.38 -17.31 13.28
N VAL A 268 -21.22 -16.39 12.84
CA VAL A 268 -22.68 -16.47 13.06
C VAL A 268 -23.31 -17.74 12.48
N GLN A 269 -22.87 -18.14 11.27
CA GLN A 269 -23.40 -19.33 10.57
C GLN A 269 -22.84 -20.63 11.09
N LYS A 270 -21.57 -20.65 11.51
CA LYS A 270 -20.87 -21.88 11.86
C LYS A 270 -21.00 -22.26 13.33
N TYR A 271 -21.18 -21.27 14.19
CA TYR A 271 -21.31 -21.49 15.63
C TYR A 271 -22.79 -21.56 15.99
N ASP A 272 -23.27 -22.74 16.36
CA ASP A 272 -24.68 -22.92 16.67
C ASP A 272 -25.14 -22.18 17.95
N ARG A 273 -24.20 -21.69 18.76
CA ARG A 273 -24.55 -20.95 19.97
C ARG A 273 -24.38 -19.44 19.80
N SER A 274 -24.24 -18.99 18.55
CA SER A 274 -23.96 -17.58 18.25
C SER A 274 -25.11 -16.65 18.65
N ASN A 275 -26.31 -17.22 18.80
CA ASN A 275 -27.52 -16.47 19.20
C ASN A 275 -27.49 -16.02 20.66
N GLU A 276 -26.59 -16.64 21.43
CA GLU A 276 -26.39 -16.29 22.83
C GLU A 276 -25.57 -15.00 22.96
N TRP A 277 -24.96 -14.55 21.86
CA TRP A 277 -23.97 -13.49 21.89
C TRP A 277 -24.45 -12.13 21.37
N LYS A 278 -23.96 -11.05 21.95
CA LYS A 278 -24.21 -9.71 21.42
C LYS A 278 -22.95 -9.17 20.74
N ILE A 279 -23.11 -8.58 19.56
CA ILE A 279 -21.97 -8.13 18.79
C ILE A 279 -22.03 -6.62 18.58
N ILE A 280 -21.07 -5.93 19.17
CA ILE A 280 -21.17 -4.50 19.26
C ILE A 280 -19.94 -3.85 18.66
N SER A 281 -20.16 -2.70 18.04
CA SER A 281 -19.13 -1.92 17.37
C SER A 281 -18.97 -0.56 18.07
N VAL A 282 -17.72 -0.19 18.30
CA VAL A 282 -17.34 1.14 18.75
C VAL A 282 -16.25 1.73 17.86
N GLY A 283 -16.17 3.06 17.80
CA GLY A 283 -15.16 3.73 16.98
C GLY A 283 -15.82 4.80 16.14
N GLU A 284 -16.43 4.35 15.05
CA GLU A 284 -17.00 5.20 14.05
C GLU A 284 -18.45 4.78 13.96
N LYS A 285 -19.38 5.72 14.04
CA LYS A 285 -20.80 5.36 13.85
C LYS A 285 -21.03 4.87 12.42
N HIS A 286 -21.72 3.75 12.30
CA HIS A 286 -22.12 3.20 11.00
C HIS A 286 -23.48 2.51 11.14
N LYS A 287 -24.16 2.27 10.02
CA LYS A 287 -25.41 1.49 10.02
C LYS A 287 -25.18 0.12 10.61
N ASP A 288 -26.18 -0.39 11.33
CA ASP A 288 -26.16 -1.77 11.79
C ASP A 288 -26.13 -2.68 10.58
N ILE A 289 -25.30 -3.73 10.65
CA ILE A 289 -25.10 -4.68 9.55
C ILE A 289 -25.68 -6.06 9.87
N ALA A 290 -26.45 -6.60 8.93
CA ALA A 290 -27.01 -7.94 9.07
C ALA A 290 -25.90 -8.98 8.93
N LEU A 291 -25.83 -9.90 9.89
CA LEU A 291 -24.78 -10.91 9.89
C LEU A 291 -25.27 -12.35 9.63
N GLY A 292 -26.59 -12.53 9.51
CA GLY A 292 -27.17 -13.86 9.40
C GLY A 292 -27.92 -14.24 10.67
N LYS A 293 -28.94 -15.10 10.51
CA LYS A 293 -29.75 -15.60 11.63
C LYS A 293 -30.46 -14.49 12.43
N GLY A 294 -30.68 -13.34 11.79
CA GLY A 294 -31.31 -12.20 12.47
C GLY A 294 -30.41 -11.44 13.43
N ILE A 295 -29.13 -11.81 13.47
CA ILE A 295 -28.14 -11.18 14.36
C ILE A 295 -27.47 -10.01 13.63
N HIS A 296 -27.33 -8.87 14.31
CA HIS A 296 -26.72 -7.68 13.70
C HIS A 296 -25.45 -7.23 14.43
N LEU A 297 -24.50 -6.66 13.69
CA LEU A 297 -23.43 -5.89 14.32
C LEU A 297 -24.04 -4.53 14.65
N ASN A 298 -24.21 -4.25 15.94
CA ASN A 298 -24.84 -3.02 16.43
C ASN A 298 -23.79 -1.92 16.68
N SER A 299 -23.91 -0.80 16.00
CA SER A 299 -22.91 0.25 16.14
C SER A 299 -23.23 1.26 17.22
N LEU A 300 -22.32 1.42 18.16
CA LEU A 300 -22.40 2.51 19.13
C LEU A 300 -21.54 3.74 18.79
N GLY A 301 -20.51 3.57 17.94
CA GLY A 301 -19.69 4.72 17.49
C GLY A 301 -18.75 5.29 18.53
N LYS A 302 -18.74 6.62 18.67
CA LYS A 302 -17.95 7.31 19.71
C LYS A 302 -18.75 7.49 21.00
N LEU A 303 -18.36 6.74 22.03
CA LEU A 303 -18.94 6.89 23.36
C LEU A 303 -18.10 7.88 24.17
N THR A 304 -18.70 8.51 25.17
CA THR A 304 -17.92 9.20 26.20
C THR A 304 -17.00 8.17 26.84
N LEU A 305 -15.93 8.63 27.48
CA LEU A 305 -14.99 7.71 28.13
C LEU A 305 -15.65 6.95 29.29
N GLU A 306 -16.59 7.60 29.95
CA GLU A 306 -17.37 6.97 31.02
C GLU A 306 -18.13 5.77 30.49
N ASP A 307 -18.87 5.95 29.40
CA ASP A 307 -19.67 4.88 28.81
C ASP A 307 -18.84 3.75 28.20
N TYR A 308 -17.72 4.11 27.59
CA TYR A 308 -16.79 3.16 27.01
C TYR A 308 -16.22 2.29 28.13
N ALA A 309 -15.85 2.91 29.24
CA ALA A 309 -15.36 2.14 30.38
C ALA A 309 -16.42 1.14 30.86
N ASP A 310 -17.69 1.56 30.89
CA ASP A 310 -18.78 0.67 31.29
C ASP A 310 -18.92 -0.54 30.37
N LEU A 311 -18.86 -0.28 29.06
CA LEU A 311 -18.97 -1.33 28.06
C LEU A 311 -17.79 -2.33 28.10
N LEU A 312 -16.56 -1.82 28.29
CA LEU A 312 -15.38 -2.67 28.48
C LEU A 312 -15.47 -3.57 29.73
N LYS A 313 -15.91 -3.02 30.87
CA LYS A 313 -16.06 -3.83 32.08
C LYS A 313 -16.98 -5.05 31.87
N ARG A 314 -18.06 -4.86 31.13
CA ARG A 314 -18.96 -5.98 30.90
C ARG A 314 -18.70 -6.82 29.63
N SER A 315 -17.81 -6.37 28.75
CA SER A 315 -17.51 -7.13 27.54
C SER A 315 -16.46 -8.20 27.77
N SER A 316 -16.58 -9.32 27.07
CA SER A 316 -15.73 -10.48 27.31
CA SER A 316 -15.72 -10.48 27.31
C SER A 316 -14.76 -10.81 26.16
N ILE A 317 -15.17 -10.54 24.93
CA ILE A 317 -14.31 -10.77 23.76
C ILE A 317 -14.20 -9.50 22.93
N GLY A 318 -12.97 -9.17 22.51
CA GLY A 318 -12.74 -8.03 21.63
C GLY A 318 -12.15 -8.43 20.27
N ILE A 319 -12.46 -7.65 19.23
CA ILE A 319 -11.75 -7.74 17.94
C ILE A 319 -11.26 -6.36 17.51
N SER A 320 -9.94 -6.23 17.38
CA SER A 320 -9.30 -4.95 17.03
C SER A 320 -8.10 -5.20 16.14
N LEU A 321 -8.21 -4.88 14.86
CA LEU A 321 -7.14 -5.15 13.90
C LEU A 321 -6.44 -3.85 13.51
N MSE A 322 -5.14 -3.96 13.27
CA MSE A 322 -4.34 -2.82 12.86
CA MSE A 322 -4.36 -2.82 12.84
C MSE A 322 -3.32 -3.33 11.85
O MSE A 322 -2.36 -3.99 12.23
CB MSE A 322 -3.63 -2.19 14.06
CB MSE A 322 -3.69 -2.15 14.04
CG MSE A 322 -2.64 -1.08 13.71
CG MSE A 322 -2.74 -1.02 13.70
SE MSE A 322 -3.56 0.42 12.92
SE MSE A 322 -3.66 0.52 12.96
CE MSE A 322 -5.29 -0.04 13.59
CE MSE A 322 -2.30 1.88 13.32
N ILE A 323 -3.55 -3.03 10.58
CA ILE A 323 -2.64 -3.44 9.51
C ILE A 323 -1.51 -2.41 9.44
N SER A 324 -0.50 -2.58 10.30
CA SER A 324 0.54 -1.58 10.51
C SER A 324 1.41 -2.08 11.66
N PRO A 325 2.68 -1.64 11.72
CA PRO A 325 3.55 -2.06 12.81
C PRO A 325 3.17 -1.42 14.13
N HIS A 326 2.34 -0.39 14.06
CA HIS A 326 1.81 0.26 15.27
C HIS A 326 0.82 -0.66 16.01
N PRO A 327 0.84 -0.65 17.36
CA PRO A 327 -0.05 -1.60 18.05
C PRO A 327 -1.53 -1.25 17.96
N SER A 328 -1.79 0.05 17.79
CA SER A 328 -3.10 0.66 17.94
C SER A 328 -3.51 0.59 19.41
N TYR A 329 -4.43 1.46 19.82
CA TYR A 329 -4.81 1.63 21.23
C TYR A 329 -5.90 0.67 21.75
N PRO A 330 -6.96 0.44 20.95
CA PRO A 330 -8.06 -0.40 21.45
C PRO A 330 -7.68 -1.80 21.97
N PRO A 331 -6.79 -2.55 21.28
CA PRO A 331 -6.46 -3.85 21.86
C PRO A 331 -5.83 -3.75 23.24
N LEU A 332 -5.01 -2.73 23.44
CA LEU A 332 -4.37 -2.45 24.71
C LEU A 332 -5.41 -2.11 25.77
N GLU A 333 -6.40 -1.27 25.42
CA GLU A 333 -7.48 -0.88 26.36
C GLU A 333 -8.30 -2.13 26.72
N MSE A 334 -8.76 -2.83 25.70
CA MSE A 334 -9.57 -4.03 25.88
C MSE A 334 -8.89 -5.10 26.76
O MSE A 334 -9.54 -5.70 27.64
CB MSE A 334 -9.98 -4.63 24.54
CG MSE A 334 -10.92 -3.78 23.71
SE MSE A 334 -10.96 -4.54 21.91
CE MSE A 334 -12.42 -3.52 21.09
N ALA A 335 -7.59 -5.31 26.55
CA ALA A 335 -6.85 -6.34 27.29
C ALA A 335 -6.78 -6.05 28.79
N HIS A 336 -6.69 -4.77 29.15
CA HIS A 336 -6.58 -4.37 30.55
C HIS A 336 -7.93 -4.35 31.28
N PHE A 337 -9.00 -4.56 30.52
CA PHE A 337 -10.35 -4.62 31.07
C PHE A 337 -10.92 -6.04 31.08
N GLY A 338 -10.06 -7.05 30.90
CA GLY A 338 -10.45 -8.45 31.02
C GLY A 338 -10.98 -9.11 29.75
N LEU A 339 -10.95 -8.41 28.62
CA LEU A 339 -11.35 -9.04 27.37
C LEU A 339 -10.23 -9.92 26.80
N ARG A 340 -10.64 -11.07 26.27
CA ARG A 340 -9.77 -11.83 25.38
C ARG A 340 -9.85 -11.14 24.03
N VAL A 341 -8.72 -10.67 23.52
CA VAL A 341 -8.73 -9.75 22.37
C VAL A 341 -8.09 -10.36 21.12
N ILE A 342 -8.85 -10.41 20.04
CA ILE A 342 -8.32 -10.90 18.77
C ILE A 342 -7.68 -9.73 18.01
N THR A 343 -6.39 -9.86 17.72
CA THR A 343 -5.71 -8.87 16.90
C THR A 343 -4.71 -9.53 15.97
N ASN A 344 -3.90 -8.74 15.24
CA ASN A 344 -3.04 -9.32 14.21
C ASN A 344 -1.55 -8.99 14.35
N LYS A 345 -0.75 -9.98 13.99
CA LYS A 345 0.66 -9.77 13.82
C LYS A 345 0.82 -8.87 12.59
N TYR A 346 1.84 -8.03 12.59
CA TYR A 346 2.30 -7.36 11.38
C TYR A 346 3.79 -7.14 11.50
N GLU A 347 4.56 -7.87 10.68
CA GLU A 347 6.03 -7.83 10.70
C GLU A 347 6.61 -7.92 12.10
N ASN A 348 7.30 -6.89 12.57
CA ASN A 348 7.95 -6.93 13.90
C ASN A 348 6.97 -6.87 15.06
N LYS A 349 5.72 -6.55 14.76
CA LYS A 349 4.69 -6.47 15.78
C LYS A 349 4.00 -7.81 16.04
N ASP A 350 4.13 -8.29 17.28
CA ASP A 350 3.31 -9.38 17.79
C ASP A 350 2.92 -9.05 19.23
N LEU A 351 1.66 -8.67 19.44
CA LEU A 351 1.17 -8.25 20.76
C LEU A 351 0.85 -9.39 21.72
N SER A 352 1.10 -10.64 21.31
CA SER A 352 0.72 -11.80 22.12
C SER A 352 1.67 -11.95 23.30
N ASN A 353 2.86 -11.37 23.14
CA ASN A 353 3.88 -11.34 24.18
C ASN A 353 3.70 -10.20 25.19
N TRP A 354 2.88 -9.20 24.83
CA TRP A 354 2.62 -8.04 25.68
C TRP A 354 1.67 -8.35 26.84
N HIS A 355 0.64 -9.15 26.58
CA HIS A 355 -0.41 -9.40 27.57
C HIS A 355 -1.09 -10.75 27.34
N SER A 356 -1.36 -11.49 28.41
CA SER A 356 -1.96 -12.83 28.31
C SER A 356 -3.37 -12.85 27.71
N ASN A 357 -4.05 -11.71 27.72
CA ASN A 357 -5.40 -11.60 27.16
C ASN A 357 -5.40 -11.38 25.66
N ILE A 358 -4.24 -11.10 25.08
CA ILE A 358 -4.21 -10.80 23.65
C ILE A 358 -3.98 -12.06 22.80
N VAL A 359 -4.91 -12.34 21.88
CA VAL A 359 -4.66 -13.40 20.90
C VAL A 359 -4.27 -12.82 19.54
N SER A 360 -3.06 -13.16 19.11
CA SER A 360 -2.50 -12.64 17.87
C SER A 360 -2.54 -13.67 16.73
N LEU A 361 -3.18 -13.31 15.63
CA LEU A 361 -3.24 -14.17 14.46
C LEU A 361 -2.13 -13.87 13.43
N GLU A 362 -1.35 -14.88 13.09
CA GLU A 362 -0.32 -14.78 12.02
C GLU A 362 -0.92 -14.86 10.62
N GLN A 363 -1.95 -15.69 10.46
CA GLN A 363 -2.66 -15.89 9.20
C GLN A 363 -4.03 -15.24 9.33
N LEU A 364 -4.20 -14.08 8.68
CA LEU A 364 -5.39 -13.26 8.89
C LEU A 364 -6.39 -13.37 7.74
N ASN A 365 -7.36 -14.27 7.89
CA ASN A 365 -8.44 -14.43 6.92
C ASN A 365 -9.75 -14.61 7.69
N PRO A 366 -10.91 -14.45 7.02
CA PRO A 366 -12.17 -14.55 7.78
C PRO A 366 -12.32 -15.90 8.52
N GLU A 367 -11.82 -16.98 7.93
CA GLU A 367 -11.92 -18.30 8.56
C GLU A 367 -11.17 -18.42 9.91
N ASN A 368 -9.92 -17.97 9.97
CA ASN A 368 -9.16 -18.03 11.22
C ASN A 368 -9.72 -17.14 12.31
N ILE A 369 -10.19 -15.97 11.92
CA ILE A 369 -10.82 -15.07 12.86
C ILE A 369 -12.08 -15.71 13.43
N ALA A 370 -12.89 -16.33 12.56
CA ALA A 370 -14.13 -17.00 12.97
C ALA A 370 -13.86 -18.21 13.87
N GLU A 371 -12.88 -19.04 13.50
CA GLU A 371 -12.46 -20.17 14.33
C GLU A 371 -12.02 -19.75 15.74
N THR A 372 -11.16 -18.75 15.81
CA THR A 372 -10.64 -18.20 17.05
C THR A 372 -11.78 -17.66 17.94
N LEU A 373 -12.74 -16.99 17.31
CA LEU A 373 -13.89 -16.45 18.00
C LEU A 373 -14.77 -17.56 18.60
N VAL A 374 -14.87 -18.71 17.92
CA VAL A 374 -15.55 -19.88 18.46
C VAL A 374 -14.82 -20.44 19.69
N GLU A 375 -13.50 -20.52 19.61
CA GLU A 375 -12.70 -21.07 20.72
C GLU A 375 -12.82 -20.16 21.93
N LEU A 376 -12.77 -18.86 21.68
CA LEU A 376 -12.92 -17.86 22.74
C LEU A 376 -14.31 -17.86 23.38
N CYS A 377 -15.37 -17.97 22.56
CA CYS A 377 -16.74 -18.12 23.06
C CYS A 377 -16.93 -19.34 23.94
N MSE A 378 -16.33 -20.46 23.53
CA MSE A 378 -16.32 -21.71 24.31
C MSE A 378 -15.49 -21.60 25.61
O MSE A 378 -15.84 -22.21 26.62
CB MSE A 378 -15.82 -22.87 23.44
CG MSE A 378 -16.77 -23.30 22.30
SE MSE A 378 -18.45 -24.16 22.88
CE MSE A 378 -17.67 -25.33 24.26
N SER A 379 -14.40 -20.83 25.58
CA SER A 379 -13.60 -20.52 26.78
C SER A 379 -14.37 -19.81 27.90
N PHE A 380 -15.30 -18.92 27.51
CA PHE A 380 -16.16 -18.17 28.45
C PHE A 380 -16.88 -19.12 29.38
N ASN A 381 -16.87 -20.40 29.00
CA ASN A 381 -17.49 -21.49 29.76
C ASN A 381 -19.02 -21.35 29.78
N GLU A 389 -4.24 -12.07 33.38
CA GLU A 389 -3.46 -12.45 34.57
C GLU A 389 -1.98 -12.12 34.44
N SER A 390 -1.44 -12.11 33.22
CA SER A 390 -0.02 -11.77 33.01
C SER A 390 0.16 -10.61 32.04
N SER A 391 0.90 -9.60 32.49
CA SER A 391 1.16 -8.42 31.67
C SER A 391 2.67 -8.14 31.57
N ASN A 392 3.13 -7.85 30.35
CA ASN A 392 4.51 -7.45 30.15
C ASN A 392 4.55 -6.07 29.50
N MSE A 393 3.57 -5.26 29.85
CA MSE A 393 3.46 -3.92 29.30
C MSE A 393 3.14 -2.96 30.44
O MSE A 393 2.21 -2.15 30.36
CB MSE A 393 2.45 -3.87 28.13
CG MSE A 393 1.12 -4.60 28.37
SE MSE A 393 -0.16 -4.41 26.92
CE MSE A 393 -0.13 -2.47 26.80
N MSE A 394 3.92 -3.06 31.50
CA MSE A 394 3.76 -2.23 32.69
C MSE A 394 3.88 -0.74 32.36
O MSE A 394 3.31 0.10 33.07
CB MSE A 394 4.75 -2.64 33.80
CG MSE A 394 4.36 -3.90 34.59
SE MSE A 394 2.46 -3.91 35.18
CE MSE A 394 2.56 -2.60 36.63
N PHE A 395 4.58 -0.41 31.29
CA PHE A 395 4.72 0.98 30.82
C PHE A 395 3.37 1.65 30.54
N TYR A 396 2.39 0.84 30.16
CA TYR A 396 1.12 1.35 29.67
C TYR A 396 0.28 2.02 30.76
N ILE A 397 0.40 1.53 31.98
CA ILE A 397 -0.35 2.09 33.10
C ILE A 397 0.59 2.84 34.05
N ASN A 398 0.12 3.94 34.63
CA ASN A 398 0.96 4.91 35.38
C ASN A 398 1.97 5.68 34.51
N GLU A 402 6.04 11.04 30.38
CA GLU A 402 5.55 10.50 29.11
C GLU A 402 6.24 11.14 27.90
N PHE A 403 6.44 12.45 27.99
CA PHE A 403 7.18 13.22 27.00
C PHE A 403 8.38 13.86 27.69
N SER A 404 9.11 13.08 28.48
CA SER A 404 10.29 13.54 29.21
C SER A 404 11.42 14.01 28.30
N PHE A 405 11.48 13.46 27.10
CA PHE A 405 12.54 13.76 26.14
C PHE A 405 12.39 15.12 25.46
N ILE A 406 11.33 15.85 25.79
CA ILE A 406 11.06 17.14 25.17
C ILE A 406 12.13 18.18 25.52
N LYS A 407 12.56 18.19 26.78
CA LYS A 407 13.64 19.07 27.19
C LYS A 407 14.95 18.74 26.47
N GLU A 408 15.21 17.45 26.28
CA GLU A 408 16.36 17.03 25.51
C GLU A 408 16.30 17.54 24.05
N ILE A 409 15.10 17.55 23.46
CA ILE A 409 14.88 18.07 22.11
C ILE A 409 14.98 19.60 22.06
N GLU A 410 14.40 20.28 23.05
CA GLU A 410 14.49 21.74 23.18
C GLU A 410 15.93 22.25 23.06
N GLU A 411 16.88 21.52 23.66
CA GLU A 411 18.29 21.92 23.64
C GLU A 411 19.01 21.64 22.31
N LYS A 412 18.43 20.80 21.46
CA LYS A 412 19.01 20.48 20.15
C LYS A 412 18.46 21.34 19.01
N LEU A 413 17.29 21.94 19.21
CA LEU A 413 16.69 22.80 18.20
C LEU A 413 17.21 24.23 18.32
N PHE B 26 -23.63 4.92 1.83
CA PHE B 26 -23.30 3.49 1.58
C PHE B 26 -21.90 3.11 2.08
N ILE B 27 -21.77 1.94 2.66
CA ILE B 27 -20.47 1.43 3.05
C ILE B 27 -20.31 -0.02 2.59
N GLU B 28 -19.07 -0.39 2.25
CA GLU B 28 -18.79 -1.75 1.87
C GLU B 28 -18.92 -2.66 3.08
N THR B 29 -19.57 -3.80 2.86
CA THR B 29 -19.93 -4.74 3.91
C THR B 29 -19.38 -6.12 3.58
N SER B 30 -18.98 -6.27 2.33
CA SER B 30 -18.39 -7.50 1.85
C SER B 30 -17.14 -7.18 1.05
N ILE B 31 -16.34 -8.20 0.80
CA ILE B 31 -15.14 -8.09 0.00
C ILE B 31 -15.39 -8.86 -1.29
N PRO B 32 -15.61 -8.14 -2.40
CA PRO B 32 -15.99 -8.78 -3.66
C PRO B 32 -14.97 -9.75 -4.25
N GLU B 33 -13.69 -9.60 -3.91
CA GLU B 33 -12.64 -10.45 -4.48
C GLU B 33 -12.74 -11.90 -3.99
N ILE B 34 -13.35 -12.08 -2.83
CA ILE B 34 -13.36 -13.38 -2.17
C ILE B 34 -14.73 -14.03 -2.11
N THR B 35 -15.63 -13.60 -2.98
CA THR B 35 -16.95 -14.20 -3.14
C THR B 35 -16.82 -15.71 -3.32
N PRO B 36 -17.58 -16.51 -2.54
CA PRO B 36 -17.41 -17.96 -2.57
C PRO B 36 -17.37 -18.56 -3.98
N PHE B 37 -16.52 -19.56 -4.11
CA PHE B 37 -16.17 -20.19 -5.35
C PHE B 37 -16.51 -21.66 -5.12
N ASN B 38 -17.80 -21.98 -5.24
CA ASN B 38 -18.35 -23.29 -4.86
C ASN B 38 -18.17 -24.36 -5.90
N ALA B 39 -17.82 -25.55 -5.43
CA ALA B 39 -17.53 -26.69 -6.28
C ALA B 39 -18.54 -27.79 -6.03
N ARG B 40 -18.69 -28.67 -7.01
CA ARG B 40 -19.44 -29.92 -6.88
C ARG B 40 -18.58 -31.03 -7.47
N THR B 41 -18.84 -32.27 -7.08
CA THR B 41 -18.05 -33.39 -7.56
C THR B 41 -18.27 -33.68 -9.04
N SER B 42 -17.46 -34.59 -9.58
CA SER B 42 -17.43 -34.90 -11.00
C SER B 42 -16.83 -36.28 -11.14
N SER B 43 -17.16 -36.98 -12.22
CA SER B 43 -16.65 -38.32 -12.50
C SER B 43 -15.40 -38.35 -13.38
N ILE B 44 -15.05 -37.22 -13.98
CA ILE B 44 -13.91 -37.15 -14.89
C ILE B 44 -12.63 -37.68 -14.20
N LYS B 45 -11.84 -38.44 -14.97
CA LYS B 45 -10.85 -39.36 -14.41
C LYS B 45 -9.38 -38.92 -14.35
N GLY B 46 -8.80 -38.45 -15.44
CA GLY B 46 -7.34 -38.22 -15.42
C GLY B 46 -6.91 -36.96 -14.67
N LYS B 47 -5.63 -36.63 -14.77
CA LYS B 47 -5.13 -35.36 -14.30
C LYS B 47 -5.62 -34.26 -15.22
N ARG B 48 -5.97 -33.11 -14.65
CA ARG B 48 -6.40 -31.99 -15.45
C ARG B 48 -5.87 -30.72 -14.81
N LEU B 49 -5.26 -29.87 -15.63
CA LEU B 49 -4.70 -28.59 -15.19
C LEU B 49 -5.76 -27.51 -15.37
N ASN B 50 -6.02 -26.75 -14.30
CA ASN B 50 -7.10 -25.75 -14.28
C ASN B 50 -6.54 -24.37 -14.08
N LEU B 51 -6.40 -23.61 -15.15
CA LEU B 51 -5.88 -22.25 -15.04
C LEU B 51 -6.97 -21.31 -14.57
N LEU B 52 -6.77 -20.70 -13.40
CA LEU B 52 -7.69 -19.68 -12.94
C LEU B 52 -7.16 -18.31 -13.38
N VAL B 53 -7.89 -17.64 -14.27
CA VAL B 53 -7.52 -16.31 -14.74
C VAL B 53 -8.69 -15.34 -14.65
N PRO B 54 -8.40 -14.05 -14.39
CA PRO B 54 -9.47 -13.05 -14.36
C PRO B 54 -10.26 -12.99 -15.66
N SER B 55 -9.56 -13.03 -16.79
CA SER B 55 -10.23 -12.96 -18.08
C SER B 55 -9.28 -13.34 -19.21
N ILE B 56 -9.85 -13.63 -20.38
CA ILE B 56 -9.04 -13.89 -21.57
C ILE B 56 -9.39 -12.90 -22.67
N ASN B 57 -10.08 -11.83 -22.31
CA ASN B 57 -10.45 -10.80 -23.28
C ASN B 57 -9.20 -10.10 -23.79
N GLN B 58 -9.19 -9.75 -25.07
CA GLN B 58 -8.01 -9.11 -25.67
C GLN B 58 -7.64 -7.78 -24.99
N GLU B 59 -8.66 -7.02 -24.59
CA GLU B 59 -8.45 -5.76 -23.86
C GLU B 59 -7.60 -5.91 -22.58
N HIS B 60 -7.57 -7.13 -22.01
CA HIS B 60 -6.80 -7.45 -20.79
C HIS B 60 -5.62 -8.38 -21.05
N MSE B 61 -5.31 -8.57 -22.33
CA MSE B 61 -4.30 -9.53 -22.79
C MSE B 61 -2.88 -8.94 -22.75
O MSE B 61 -2.04 -9.23 -23.62
CB MSE B 61 -4.65 -9.99 -24.21
CG MSE B 61 -3.93 -11.26 -24.66
SE MSE B 61 -4.19 -12.67 -23.37
CE MSE B 61 -6.09 -12.96 -23.59
N PHE B 62 -2.62 -8.10 -21.75
CA PHE B 62 -1.27 -7.61 -21.51
C PHE B 62 -0.79 -8.17 -20.18
N GLY B 63 0.40 -7.73 -19.74
CA GLY B 63 0.90 -8.02 -18.40
C GLY B 63 0.79 -9.48 -17.99
N GLY B 64 0.32 -9.69 -16.77
CA GLY B 64 0.30 -11.00 -16.15
C GLY B 64 -0.44 -12.11 -16.88
N ILE B 65 -1.68 -11.82 -17.26
CA ILE B 65 -2.58 -12.81 -17.86
C ILE B 65 -1.98 -13.40 -19.15
N SER B 66 -1.44 -12.52 -19.98
CA SER B 66 -0.77 -12.90 -21.19
C SER B 66 0.39 -13.86 -20.90
N THR B 67 1.15 -13.57 -19.85
CA THR B 67 2.28 -14.42 -19.49
C THR B 67 1.84 -15.76 -18.89
N ALA B 68 0.75 -15.73 -18.12
CA ALA B 68 0.21 -16.93 -17.53
C ALA B 68 -0.24 -17.91 -18.62
N LEU B 69 -0.91 -17.39 -19.65
CA LEU B 69 -1.35 -18.22 -20.77
C LEU B 69 -0.18 -18.82 -21.55
N LYS B 70 0.90 -18.06 -21.70
CA LYS B 70 2.10 -18.55 -22.40
C LYS B 70 2.77 -19.71 -21.66
N LEU B 71 2.81 -19.61 -20.33
CA LEU B 71 3.31 -20.69 -19.46
C LEU B 71 2.39 -21.91 -19.48
N PHE B 72 1.09 -21.67 -19.38
CA PHE B 72 0.07 -22.73 -19.43
C PHE B 72 0.17 -23.55 -20.72
N GLU B 73 0.49 -22.88 -21.82
CA GLU B 73 0.64 -23.47 -23.13
C GLU B 73 1.78 -24.49 -23.19
N GLN B 74 2.75 -24.33 -22.29
CA GLN B 74 3.94 -25.20 -22.28
C GLN B 74 3.69 -26.60 -21.71
N PHE B 75 2.74 -26.72 -20.78
CA PHE B 75 2.34 -28.03 -20.24
C PHE B 75 1.84 -28.95 -21.35
N ASP B 76 2.23 -30.22 -21.23
CA ASP B 76 1.97 -31.25 -22.25
C ASP B 76 0.50 -31.62 -22.37
N ASN B 77 -0.10 -31.30 -23.53
CA ASN B 77 -1.48 -31.70 -23.83
C ASN B 77 -1.65 -33.22 -23.86
N LYS B 78 -0.55 -33.94 -24.09
CA LYS B 78 -0.58 -35.39 -24.11
C LYS B 78 -0.67 -36.00 -22.71
N LYS B 79 -0.30 -35.22 -21.69
CA LYS B 79 -0.29 -35.72 -20.31
C LYS B 79 -1.42 -35.14 -19.45
N PHE B 80 -1.84 -33.91 -19.76
CA PHE B 80 -2.90 -33.26 -18.99
C PHE B 80 -4.05 -32.75 -19.88
N LYS B 81 -5.28 -32.99 -19.44
CA LYS B 81 -6.43 -32.23 -19.92
C LYS B 81 -6.25 -30.82 -19.37
N LYS B 82 -6.82 -29.85 -20.08
CA LYS B 82 -6.66 -28.47 -19.70
C LYS B 82 -7.99 -27.75 -19.69
N ARG B 83 -8.24 -27.04 -18.58
CA ARG B 83 -9.42 -26.18 -18.48
C ARG B 83 -9.03 -24.76 -18.02
N ILE B 84 -9.56 -23.75 -18.68
CA ILE B 84 -9.41 -22.35 -18.27
C ILE B 84 -10.72 -21.89 -17.63
N ILE B 85 -10.59 -21.39 -16.40
CA ILE B 85 -11.71 -20.91 -15.59
C ILE B 85 -11.63 -19.39 -15.44
N LEU B 86 -12.61 -18.70 -16.02
CA LEU B 86 -12.62 -17.24 -16.04
C LEU B 86 -13.31 -16.74 -14.77
N THR B 87 -12.58 -15.99 -13.95
CA THR B 87 -13.08 -15.65 -12.63
C THR B 87 -13.68 -14.24 -12.53
N ASP B 88 -13.37 -13.37 -13.47
CA ASP B 88 -13.80 -11.99 -13.37
C ASP B 88 -14.58 -11.43 -14.56
N ALA B 89 -14.22 -11.85 -15.76
CA ALA B 89 -14.84 -11.29 -16.95
C ALA B 89 -15.08 -12.36 -18.01
N THR B 90 -16.17 -12.19 -18.76
CA THR B 90 -16.56 -13.15 -19.78
C THR B 90 -16.20 -12.63 -21.17
N PRO B 91 -15.81 -13.55 -22.08
CA PRO B 91 -15.35 -13.18 -23.41
C PRO B 91 -16.47 -12.78 -24.35
N ASN B 92 -16.16 -11.87 -25.27
CA ASN B 92 -16.97 -11.60 -26.44
C ASN B 92 -16.70 -12.71 -27.46
N PRO B 93 -17.59 -12.89 -28.45
CA PRO B 93 -17.26 -13.79 -29.54
C PRO B 93 -15.86 -13.59 -30.14
N LYS B 94 -15.45 -12.34 -30.37
CA LYS B 94 -14.10 -12.02 -30.88
C LYS B 94 -12.95 -12.49 -29.96
N ASP B 95 -13.14 -12.42 -28.65
CA ASP B 95 -12.12 -12.82 -27.71
C ASP B 95 -11.79 -14.32 -27.80
N LEU B 96 -12.79 -15.14 -28.17
CA LEU B 96 -12.60 -16.58 -28.28
C LEU B 96 -11.90 -17.04 -29.57
N GLN B 97 -11.66 -16.10 -30.49
CA GLN B 97 -11.00 -16.38 -31.77
C GLN B 97 -9.53 -16.79 -31.64
N SER B 98 -8.89 -16.38 -30.55
CA SER B 98 -7.55 -16.87 -30.26
C SER B 98 -7.56 -18.07 -29.30
N PHE B 99 -8.67 -18.82 -29.31
CA PHE B 99 -8.87 -19.98 -28.45
C PHE B 99 -9.76 -20.97 -29.16
N LYS B 100 -9.49 -21.19 -30.45
CA LYS B 100 -10.37 -21.98 -31.30
C LYS B 100 -10.35 -23.48 -30.99
N SER B 101 -9.28 -23.94 -30.32
CA SER B 101 -9.11 -25.35 -30.03
C SER B 101 -9.79 -25.75 -28.69
N PHE B 102 -10.19 -24.75 -27.91
CA PHE B 102 -10.89 -24.96 -26.63
C PHE B 102 -12.39 -24.88 -26.83
N LYS B 103 -13.14 -25.73 -26.16
CA LYS B 103 -14.60 -25.63 -26.15
C LYS B 103 -15.02 -24.65 -25.04
N TYR B 104 -15.98 -23.78 -25.36
CA TYR B 104 -16.53 -22.86 -24.39
C TYR B 104 -17.81 -23.45 -23.78
N VAL B 105 -17.82 -23.62 -22.46
CA VAL B 105 -18.85 -24.46 -21.82
C VAL B 105 -19.36 -23.81 -20.53
N MSE B 106 -20.67 -23.91 -20.29
CA MSE B 106 -21.28 -23.42 -19.03
C MSE B 106 -20.84 -24.26 -17.81
O MSE B 106 -20.55 -25.45 -17.95
CB MSE B 106 -22.81 -23.39 -19.15
CG MSE B 106 -23.31 -22.41 -20.21
SE MSE B 106 -22.72 -20.58 -19.90
CE MSE B 106 -24.25 -19.97 -18.85
N PRO B 107 -20.80 -23.63 -16.62
CA PRO B 107 -20.40 -24.32 -15.38
C PRO B 107 -21.42 -25.37 -14.95
N GLU B 108 -22.64 -25.27 -15.46
CA GLU B 108 -23.71 -26.27 -15.24
C GLU B 108 -23.46 -27.59 -15.97
N GLU B 109 -22.66 -27.56 -17.02
CA GLU B 109 -22.31 -28.75 -17.78
C GLU B 109 -21.08 -29.38 -17.15
N ASP B 110 -20.90 -30.69 -17.38
CA ASP B 110 -19.71 -31.38 -16.92
C ASP B 110 -19.21 -32.34 -18.00
N LYS B 111 -18.44 -31.80 -18.95
CA LYS B 111 -17.97 -32.59 -20.08
C LYS B 111 -16.47 -32.84 -20.03
N ASP B 112 -16.08 -34.02 -20.50
CA ASP B 112 -14.70 -34.49 -20.46
C ASP B 112 -13.89 -34.13 -21.73
N PHE B 113 -13.95 -32.86 -22.12
CA PHE B 113 -13.16 -32.38 -23.25
C PHE B 113 -11.68 -32.35 -22.87
N ALA B 114 -10.79 -32.47 -23.85
CA ALA B 114 -9.36 -32.31 -23.61
C ALA B 114 -8.98 -30.83 -23.36
N LEU B 115 -9.73 -29.91 -23.97
CA LEU B 115 -9.46 -28.48 -23.88
C LEU B 115 -10.75 -27.70 -23.72
N GLN B 116 -10.92 -26.99 -22.60
CA GLN B 116 -12.14 -26.22 -22.41
C GLN B 116 -11.98 -24.95 -21.58
N ILE B 117 -12.85 -23.98 -21.86
CA ILE B 117 -12.91 -22.72 -21.12
C ILE B 117 -14.27 -22.64 -20.45
N VAL B 118 -14.29 -22.37 -19.15
CA VAL B 118 -15.54 -22.22 -18.43
C VAL B 118 -15.63 -20.83 -17.76
N PRO B 119 -16.71 -20.07 -18.02
CA PRO B 119 -16.95 -18.78 -17.36
C PRO B 119 -17.50 -18.96 -15.94
N PHE B 120 -16.87 -18.33 -14.95
CA PHE B 120 -17.30 -18.47 -13.57
C PHE B 120 -17.12 -17.20 -12.74
N ASN B 121 -17.52 -16.07 -13.31
CA ASN B 121 -17.43 -14.78 -12.65
C ASN B 121 -18.76 -14.42 -11.99
N ASP B 122 -19.84 -14.92 -12.58
CA ASP B 122 -21.18 -14.80 -12.03
C ASP B 122 -21.48 -16.12 -11.28
N ARG B 123 -21.25 -16.09 -9.97
CA ARG B 123 -21.05 -17.32 -9.19
C ARG B 123 -22.18 -17.70 -8.30
N TYR B 124 -22.97 -16.71 -7.90
CA TYR B 124 -23.97 -16.88 -6.86
C TYR B 124 -24.96 -18.00 -7.21
N ASN B 125 -25.12 -18.93 -6.27
CA ASN B 125 -26.00 -20.09 -6.38
C ASN B 125 -25.56 -21.08 -7.47
N ARG B 126 -24.34 -20.91 -7.96
CA ARG B 126 -23.82 -21.77 -9.01
C ARG B 126 -22.54 -22.48 -8.57
N THR B 127 -22.27 -23.61 -9.22
CA THR B 127 -21.10 -24.40 -8.89
C THR B 127 -20.30 -24.74 -10.14
N ILE B 128 -19.03 -25.06 -9.94
CA ILE B 128 -18.17 -25.54 -10.98
C ILE B 128 -17.85 -27.01 -10.65
N PRO B 129 -17.83 -27.91 -11.66
CA PRO B 129 -17.44 -29.28 -11.33
C PRO B 129 -15.93 -29.43 -11.14
N VAL B 130 -15.55 -30.09 -10.04
CA VAL B 130 -14.16 -30.23 -9.66
C VAL B 130 -13.91 -31.71 -9.41
N ALA B 131 -13.09 -32.30 -10.26
CA ALA B 131 -12.79 -33.71 -10.22
C ALA B 131 -11.69 -34.00 -9.21
N LYS B 132 -11.54 -35.28 -8.87
CA LYS B 132 -10.56 -35.76 -7.89
C LYS B 132 -9.12 -35.31 -8.18
N HIS B 133 -8.71 -35.40 -9.44
CA HIS B 133 -7.34 -35.03 -9.79
C HIS B 133 -7.21 -33.70 -10.53
N ASP B 134 -8.23 -32.84 -10.39
CA ASP B 134 -8.11 -31.46 -10.82
C ASP B 134 -7.05 -30.76 -10.00
N ILE B 135 -6.07 -30.23 -10.73
CA ILE B 135 -4.99 -29.41 -10.19
C ILE B 135 -5.20 -27.96 -10.64
N PHE B 136 -4.96 -27.04 -9.73
CA PHE B 136 -5.20 -25.64 -9.97
C PHE B 136 -3.92 -24.80 -10.12
N ILE B 137 -3.98 -23.90 -11.11
CA ILE B 137 -2.93 -22.94 -11.37
C ILE B 137 -3.52 -21.53 -11.12
N ALA B 138 -3.05 -20.86 -10.10
CA ALA B 138 -3.57 -19.55 -9.72
C ALA B 138 -2.74 -18.45 -10.34
N THR B 139 -3.35 -17.28 -10.51
CA THR B 139 -2.68 -16.13 -11.12
C THR B 139 -2.85 -14.94 -10.17
N ALA B 140 -3.92 -14.16 -10.36
CA ALA B 140 -4.20 -13.07 -9.44
C ALA B 140 -4.43 -13.60 -8.02
N TRP B 141 -4.19 -12.78 -7.01
CA TRP B 141 -4.19 -13.28 -5.64
C TRP B 141 -5.54 -13.88 -5.27
N TRP B 142 -6.63 -13.32 -5.78
CA TRP B 142 -7.96 -13.83 -5.43
C TRP B 142 -8.24 -15.19 -6.05
N THR B 143 -7.56 -15.51 -7.15
CA THR B 143 -7.63 -16.83 -7.75
C THR B 143 -6.90 -17.88 -6.91
N ALA B 144 -5.76 -17.52 -6.32
CA ALA B 144 -5.05 -18.41 -5.36
C ALA B 144 -5.84 -18.60 -4.07
N TYR B 145 -6.54 -17.56 -3.66
CA TYR B 145 -7.34 -17.57 -2.45
C TYR B 145 -8.54 -18.54 -2.65
N ALA B 146 -9.15 -18.52 -3.84
CA ALA B 146 -10.19 -19.50 -4.19
C ALA B 146 -9.61 -20.91 -4.34
N ALA B 147 -8.47 -21.02 -4.99
CA ALA B 147 -7.83 -22.33 -5.18
C ALA B 147 -7.55 -23.03 -3.84
N GLN B 148 -6.96 -22.29 -2.91
CA GLN B 148 -6.65 -22.85 -1.59
C GLN B 148 -7.87 -23.37 -0.81
N ARG B 149 -9.01 -22.73 -1.01
CA ARG B 149 -10.28 -23.24 -0.46
C ARG B 149 -10.85 -24.44 -1.23
N ILE B 150 -10.81 -24.40 -2.57
CA ILE B 150 -11.23 -25.55 -3.38
C ILE B 150 -10.47 -26.82 -2.99
N VAL B 151 -9.16 -26.69 -2.84
CA VAL B 151 -8.26 -27.82 -2.55
C VAL B 151 -8.64 -28.51 -1.23
N SER B 152 -8.96 -27.70 -0.22
CA SER B 152 -9.38 -28.22 1.08
C SER B 152 -10.73 -28.94 0.95
N TRP B 153 -11.64 -28.33 0.19
CA TRP B 153 -12.93 -28.95 -0.14
C TRP B 153 -12.71 -30.29 -0.84
N GLN B 154 -11.82 -30.31 -1.83
CA GLN B 154 -11.47 -31.51 -2.61
C GLN B 154 -10.88 -32.63 -1.73
N SER B 155 -9.92 -32.27 -0.90
CA SER B 155 -9.32 -33.18 0.07
C SER B 155 -10.38 -33.89 0.97
N ASP B 156 -11.36 -33.13 1.43
CA ASP B 156 -12.36 -33.70 2.32
C ASP B 156 -13.39 -34.52 1.57
N THR B 157 -13.93 -33.97 0.49
CA THR B 157 -14.91 -34.64 -0.37
C THR B 157 -14.40 -35.96 -0.92
N TYR B 158 -13.16 -35.99 -1.40
CA TYR B 158 -12.65 -37.19 -2.05
C TYR B 158 -11.81 -38.11 -1.15
N GLY B 159 -11.51 -37.66 0.07
CA GLY B 159 -10.68 -38.41 1.02
C GLY B 159 -9.26 -38.61 0.52
N ILE B 160 -8.66 -37.53 0.03
CA ILE B 160 -7.28 -37.57 -0.48
C ILE B 160 -6.41 -36.52 0.21
N PRO B 161 -5.09 -36.75 0.26
CA PRO B 161 -4.19 -35.69 0.68
C PRO B 161 -4.33 -34.48 -0.26
N PRO B 162 -4.12 -33.26 0.26
CA PRO B 162 -4.24 -32.06 -0.56
C PRO B 162 -3.33 -32.10 -1.79
N ASN B 163 -3.92 -31.83 -2.96
CA ASN B 163 -3.15 -31.66 -4.19
C ASN B 163 -2.36 -30.35 -4.14
N LYS B 164 -1.21 -30.35 -4.81
CA LYS B 164 -0.39 -29.15 -4.99
C LYS B 164 -1.12 -28.10 -5.81
N ILE B 165 -0.99 -26.85 -5.36
CA ILE B 165 -1.34 -25.71 -6.18
C ILE B 165 -0.09 -25.17 -6.85
N LEU B 166 -0.24 -24.70 -8.08
CA LEU B 166 0.81 -23.98 -8.77
C LEU B 166 0.41 -22.51 -8.78
N TYR B 167 1.28 -21.65 -8.24
CA TYR B 167 0.94 -20.25 -8.05
C TYR B 167 1.87 -19.38 -8.88
N ILE B 168 1.34 -18.77 -9.94
CA ILE B 168 2.13 -17.88 -10.78
C ILE B 168 2.10 -16.48 -10.15
N ILE B 169 3.16 -16.14 -9.45
CA ILE B 169 3.20 -14.88 -8.73
C ILE B 169 3.93 -13.85 -9.58
N GLN B 170 3.18 -12.88 -10.06
CA GLN B 170 3.71 -11.91 -11.00
C GLN B 170 4.10 -10.57 -10.40
N ASP B 171 3.64 -10.31 -9.19
CA ASP B 171 4.14 -9.20 -8.38
C ASP B 171 3.79 -9.48 -6.94
N PHE B 172 4.28 -8.63 -6.03
CA PHE B 172 3.81 -8.65 -4.64
C PHE B 172 2.46 -7.93 -4.63
N GLU B 173 1.40 -8.71 -4.80
CA GLU B 173 0.08 -8.11 -5.02
C GLU B 173 -0.53 -7.35 -3.84
N PRO B 174 -0.13 -7.64 -2.58
CA PRO B 174 -0.63 -6.72 -1.52
C PRO B 174 -0.24 -5.26 -1.79
N GLY B 175 0.87 -5.04 -2.47
CA GLY B 175 1.29 -3.69 -2.85
C GLY B 175 0.36 -2.96 -3.82
N PHE B 176 -0.63 -3.66 -4.38
CA PHE B 176 -1.69 -3.01 -5.20
C PHE B 176 -2.75 -2.32 -4.32
N TYR B 177 -2.60 -2.42 -3.01
CA TYR B 177 -3.56 -1.84 -2.08
C TYR B 177 -2.83 -1.11 -0.97
N GLN B 178 -3.47 -0.08 -0.45
CA GLN B 178 -3.10 0.46 0.86
C GLN B 178 -3.32 -0.63 1.92
N TRP B 179 -2.68 -0.49 3.08
CA TRP B 179 -2.98 -1.34 4.21
C TRP B 179 -4.51 -1.35 4.40
N SER B 180 -5.10 -2.53 4.31
CA SER B 180 -6.54 -2.71 4.08
C SER B 180 -6.89 -4.18 4.19
N SER B 181 -8.18 -4.49 4.17
CA SER B 181 -8.61 -5.88 4.13
C SER B 181 -8.00 -6.61 2.93
N GLN B 182 -8.06 -5.99 1.74
CA GLN B 182 -7.56 -6.64 0.50
C GLN B 182 -6.08 -6.92 0.57
N TYR B 183 -5.32 -6.01 1.20
CA TYR B 183 -3.90 -6.18 1.44
C TYR B 183 -3.61 -7.49 2.19
N VAL B 184 -4.25 -7.69 3.34
CA VAL B 184 -3.93 -8.85 4.17
C VAL B 184 -4.45 -10.15 3.53
N LEU B 185 -5.63 -10.09 2.92
CA LEU B 185 -6.14 -11.24 2.19
C LEU B 185 -5.23 -11.65 1.04
N ALA B 186 -4.74 -10.69 0.26
CA ALA B 186 -3.70 -10.97 -0.76
C ALA B 186 -2.47 -11.61 -0.12
N GLU B 187 -1.99 -11.04 0.98
CA GLU B 187 -0.83 -11.61 1.63
C GLU B 187 -1.09 -13.01 2.20
N SER B 188 -2.33 -13.28 2.63
CA SER B 188 -2.65 -14.61 3.20
C SER B 188 -2.43 -15.76 2.20
N THR B 189 -2.48 -15.44 0.90
CA THR B 189 -2.21 -16.42 -0.15
C THR B 189 -0.77 -16.92 -0.14
N TYR B 190 0.16 -16.12 0.38
CA TYR B 190 1.55 -16.52 0.46
C TYR B 190 1.89 -17.26 1.75
N LYS B 191 0.97 -17.26 2.71
CA LYS B 191 1.21 -17.80 4.03
C LYS B 191 0.54 -19.16 4.18
N TYR B 192 -0.30 -19.49 3.21
CA TYR B 192 -0.94 -20.80 3.07
C TYR B 192 0.06 -21.94 3.34
N ARG B 193 -0.37 -22.94 4.10
CA ARG B 193 0.55 -23.95 4.61
C ARG B 193 0.43 -25.31 3.92
N GLY B 194 -0.53 -25.42 3.00
CA GLY B 194 -0.69 -26.62 2.21
C GLY B 194 0.32 -26.61 1.08
N PRO B 195 0.41 -27.72 0.34
CA PRO B 195 1.38 -27.82 -0.73
C PRO B 195 1.17 -26.76 -1.82
N GLN B 196 2.23 -26.01 -2.11
CA GLN B 196 2.12 -24.92 -3.07
C GLN B 196 3.44 -24.68 -3.78
N ILE B 197 3.40 -24.68 -5.10
CA ILE B 197 4.59 -24.32 -5.86
C ILE B 197 4.43 -22.88 -6.34
N ALA B 198 5.41 -22.04 -6.04
CA ALA B 198 5.44 -20.66 -6.52
C ALA B 198 6.26 -20.58 -7.79
N VAL B 199 5.72 -19.91 -8.81
CA VAL B 199 6.47 -19.56 -10.02
C VAL B 199 6.50 -18.04 -10.13
N PHE B 200 7.67 -17.47 -9.84
CA PHE B 200 7.85 -16.03 -9.76
C PHE B 200 8.14 -15.42 -11.12
N ASN B 201 7.47 -14.32 -11.43
CA ASN B 201 7.88 -13.50 -12.57
C ASN B 201 9.13 -12.69 -12.20
N SER B 202 10.30 -13.17 -12.62
CA SER B 202 11.62 -12.54 -12.36
C SER B 202 12.29 -13.01 -11.07
N GLU B 203 13.61 -13.11 -11.12
CA GLU B 203 14.43 -13.46 -9.97
C GLU B 203 14.37 -12.41 -8.87
N LEU B 204 14.33 -11.14 -9.26
CA LEU B 204 14.20 -10.04 -8.30
C LEU B 204 12.99 -10.20 -7.39
N LEU B 205 11.87 -10.58 -7.98
CA LEU B 205 10.64 -10.84 -7.25
C LEU B 205 10.78 -12.05 -6.31
N LYS B 206 11.35 -13.15 -6.80
CA LYS B 206 11.73 -14.27 -5.95
C LYS B 206 12.56 -13.83 -4.72
N GLN B 207 13.67 -13.10 -4.95
CA GLN B 207 14.50 -12.59 -3.85
C GLN B 207 13.69 -11.74 -2.86
N TYR B 208 12.82 -10.87 -3.39
CA TYR B 208 11.95 -10.03 -2.56
C TYR B 208 11.12 -10.90 -1.62
N PHE B 209 10.51 -11.96 -2.17
CA PHE B 209 9.73 -12.90 -1.36
C PHE B 209 10.58 -13.65 -0.35
N ASN B 210 11.73 -14.18 -0.79
CA ASN B 210 12.64 -14.87 0.13
C ASN B 210 13.09 -13.97 1.30
N ASN B 211 13.36 -12.69 1.00
CA ASN B 211 13.76 -11.74 2.01
C ASN B 211 12.68 -11.46 3.09
N LYS B 212 11.40 -11.57 2.70
CA LYS B 212 10.28 -11.42 3.65
C LYS B 212 9.95 -12.73 4.37
N GLY B 213 10.58 -13.83 3.97
CA GLY B 213 10.45 -15.08 4.69
C GLY B 213 9.27 -15.94 4.30
N TYR B 214 8.70 -15.72 3.11
CA TYR B 214 7.58 -16.57 2.68
C TYR B 214 8.07 -17.95 2.34
N ASN B 215 7.30 -18.97 2.71
CA ASN B 215 7.66 -20.35 2.40
C ASN B 215 6.68 -21.00 1.44
N PHE B 216 7.24 -21.77 0.53
CA PHE B 216 6.48 -22.56 -0.41
C PHE B 216 7.13 -23.94 -0.48
N THR B 217 6.37 -24.93 -0.93
CA THR B 217 6.90 -26.27 -1.15
C THR B 217 8.07 -26.21 -2.12
N ASP B 218 7.92 -25.44 -3.19
CA ASP B 218 8.94 -25.30 -4.22
C ASP B 218 8.88 -23.93 -4.85
N GLU B 219 10.03 -23.45 -5.33
CA GLU B 219 10.14 -22.10 -5.90
C GLU B 219 10.81 -22.18 -7.26
N TYR B 220 10.18 -21.53 -8.24
CA TYR B 220 10.73 -21.37 -9.57
C TYR B 220 10.50 -19.92 -10.02
N PHE B 221 11.28 -19.49 -11.00
CA PHE B 221 11.13 -18.16 -11.56
C PHE B 221 11.50 -18.17 -13.04
N PHE B 222 10.92 -17.25 -13.80
CA PHE B 222 11.36 -17.06 -15.16
C PHE B 222 11.84 -15.64 -15.33
N GLN B 223 12.90 -15.47 -16.13
CA GLN B 223 13.52 -14.17 -16.32
C GLN B 223 12.91 -13.40 -17.49
N PRO B 224 13.01 -12.06 -17.44
CA PRO B 224 12.63 -11.20 -18.56
C PRO B 224 13.31 -11.58 -19.87
N LYS B 225 12.54 -11.67 -20.93
CA LYS B 225 13.04 -11.96 -22.26
C LYS B 225 12.50 -10.87 -23.21
N ILE B 226 13.39 -10.30 -24.03
CA ILE B 226 12.99 -9.24 -24.97
C ILE B 226 11.91 -9.78 -25.90
N ASN B 227 10.90 -8.96 -26.14
CA ASN B 227 9.89 -9.23 -27.15
C ASN B 227 10.57 -9.51 -28.48
N THR B 228 10.22 -10.65 -29.07
CA THR B 228 10.87 -11.17 -30.27
C THR B 228 10.77 -10.23 -31.47
N THR B 229 9.68 -9.46 -31.54
CA THR B 229 9.48 -8.52 -32.65
C THR B 229 10.37 -7.29 -32.48
N LEU B 230 10.54 -6.85 -31.23
CA LEU B 230 11.51 -5.78 -30.95
C LEU B 230 12.93 -6.21 -31.30
N LYS B 231 13.28 -7.44 -30.93
CA LYS B 231 14.60 -8.00 -31.16
C LYS B 231 15.03 -7.88 -32.63
N ASN B 232 14.07 -8.06 -33.54
CA ASN B 232 14.30 -7.89 -34.98
C ASN B 232 14.75 -6.49 -35.40
N TYR B 233 14.56 -5.49 -34.54
CA TYR B 233 14.97 -4.13 -34.89
C TYR B 233 16.23 -3.67 -34.15
N ILE B 234 16.72 -4.51 -33.23
CA ILE B 234 17.82 -4.16 -32.32
C ILE B 234 19.19 -3.94 -32.99
N ASN B 235 19.37 -4.51 -34.17
CA ASN B 235 20.65 -4.40 -34.89
C ASN B 235 20.67 -3.28 -35.92
N ASP B 236 19.53 -2.62 -36.08
CA ASP B 236 19.37 -1.55 -37.07
C ASP B 236 20.20 -0.30 -36.76
N LYS B 237 20.38 0.53 -37.79
CA LYS B 237 21.08 1.79 -37.64
C LYS B 237 20.22 2.74 -36.82
N ARG B 238 20.84 3.52 -35.96
CA ARG B 238 20.09 4.41 -35.09
C ARG B 238 20.44 5.87 -35.31
N GLN B 239 19.41 6.68 -35.58
CA GLN B 239 19.61 8.12 -35.77
C GLN B 239 18.96 8.86 -34.61
N LYS B 240 19.72 9.02 -33.54
CA LYS B 240 19.20 9.52 -32.28
C LYS B 240 18.80 10.98 -32.38
N GLU B 241 17.60 11.28 -31.90
CA GLU B 241 17.04 12.61 -31.87
C GLU B 241 16.89 13.08 -30.43
N LYS B 242 16.66 14.37 -30.27
CA LYS B 242 16.44 14.96 -28.96
C LYS B 242 15.00 14.68 -28.51
N ILE B 243 14.75 13.42 -28.17
CA ILE B 243 13.44 12.96 -27.75
C ILE B 243 13.57 12.33 -26.36
N ILE B 244 12.73 12.78 -25.43
CA ILE B 244 12.56 12.11 -24.15
C ILE B 244 11.32 11.20 -24.19
N LEU B 245 11.56 9.91 -23.98
CA LEU B 245 10.51 8.89 -24.02
C LEU B 245 10.03 8.47 -22.61
N VAL B 246 8.73 8.56 -22.41
CA VAL B 246 8.10 8.37 -21.12
C VAL B 246 7.12 7.20 -21.21
N TYR B 247 7.22 6.27 -20.27
CA TYR B 247 6.22 5.21 -20.14
C TYR B 247 5.06 5.75 -19.32
N GLY B 248 3.99 6.14 -20.02
CA GLY B 248 2.89 6.82 -19.35
C GLY B 248 1.70 5.91 -19.16
N ARG B 249 1.45 5.51 -17.93
CA ARG B 249 0.26 4.70 -17.68
C ARG B 249 -0.55 5.27 -16.53
N PRO B 250 -1.39 6.28 -16.80
CA PRO B 250 -2.19 6.89 -15.75
C PRO B 250 -3.01 5.91 -14.90
N SER B 251 -3.43 4.78 -15.48
CA SER B 251 -4.28 3.82 -14.78
CA SER B 251 -4.29 3.82 -14.77
C SER B 251 -3.50 2.83 -13.92
N VAL B 252 -2.20 2.68 -14.22
CA VAL B 252 -1.34 1.78 -13.45
C VAL B 252 -0.51 2.59 -12.44
N LYS B 253 -1.06 2.69 -11.23
CA LYS B 253 -0.45 3.49 -10.16
C LYS B 253 1.05 3.18 -9.93
N ARG B 254 1.42 1.90 -9.95
CA ARG B 254 2.83 1.42 -9.91
C ARG B 254 3.79 2.13 -10.88
N ASN B 255 3.26 2.70 -11.97
CA ASN B 255 4.09 3.39 -12.95
C ASN B 255 4.25 4.90 -12.71
N ALA B 256 3.66 5.39 -11.61
CA ALA B 256 3.90 6.73 -11.10
C ALA B 256 3.85 7.86 -12.14
N PHE B 257 2.85 7.77 -13.02
CA PHE B 257 2.59 8.78 -14.04
C PHE B 257 2.62 10.21 -13.52
N THR B 258 1.93 10.48 -12.41
CA THR B 258 1.77 11.86 -11.94
C THR B 258 3.08 12.38 -11.37
N LEU B 259 3.90 11.49 -10.81
CA LEU B 259 5.25 11.84 -10.40
C LEU B 259 6.08 12.33 -11.60
N ILE B 260 6.05 11.57 -12.69
CA ILE B 260 6.77 11.88 -13.93
C ILE B 260 6.33 13.22 -14.51
N VAL B 261 5.01 13.45 -14.55
CA VAL B 261 4.45 14.73 -15.00
C VAL B 261 4.97 15.92 -14.17
N GLU B 262 4.93 15.80 -12.84
CA GLU B 262 5.50 16.85 -11.97
C GLU B 262 7.00 17.05 -12.18
N ALA B 263 7.76 15.99 -12.44
CA ALA B 263 9.20 16.12 -12.68
C ALA B 263 9.49 16.75 -14.05
N LEU B 264 8.60 16.49 -15.00
CA LEU B 264 8.73 17.07 -16.32
C LEU B 264 8.49 18.59 -16.32
N LYS B 265 7.53 19.05 -15.50
CA LYS B 265 7.22 20.47 -15.36
C LYS B 265 8.37 21.27 -14.72
N ILE B 266 9.06 20.68 -13.75
CA ILE B 266 10.28 21.25 -13.18
C ILE B 266 11.39 21.29 -14.24
N PHE B 267 11.54 20.19 -14.97
CA PHE B 267 12.59 20.10 -16.01
C PHE B 267 12.43 21.22 -17.04
N VAL B 268 11.21 21.39 -17.54
CA VAL B 268 10.91 22.39 -18.55
C VAL B 268 11.20 23.80 -18.05
N GLN B 269 10.85 24.05 -16.79
CA GLN B 269 11.02 25.37 -16.17
C GLN B 269 12.46 25.69 -15.80
N LYS B 270 13.18 24.69 -15.30
CA LYS B 270 14.55 24.87 -14.80
C LYS B 270 15.62 24.78 -15.88
N TYR B 271 15.38 23.96 -16.90
CA TYR B 271 16.39 23.74 -17.92
C TYR B 271 16.17 24.70 -19.07
N ASP B 272 17.10 25.64 -19.24
CA ASP B 272 16.99 26.67 -20.26
C ASP B 272 17.06 26.13 -21.71
N ARG B 273 17.47 24.87 -21.87
CA ARG B 273 17.51 24.24 -23.19
C ARG B 273 16.36 23.24 -23.45
N SER B 274 15.40 23.16 -22.53
CA SER B 274 14.21 22.32 -22.69
C SER B 274 13.45 22.50 -24.01
N ASN B 275 13.53 23.68 -24.61
CA ASN B 275 12.84 23.93 -25.89
C ASN B 275 13.40 23.13 -27.09
N GLU B 276 14.56 22.50 -26.90
CA GLU B 276 15.22 21.70 -27.93
C GLU B 276 14.67 20.27 -27.98
N TRP B 277 13.95 19.87 -26.92
CA TRP B 277 13.59 18.47 -26.69
C TRP B 277 12.13 18.15 -26.97
N LYS B 278 11.87 17.03 -27.63
CA LYS B 278 10.51 16.50 -27.71
C LYS B 278 10.26 15.50 -26.55
N ILE B 279 9.07 15.54 -25.97
CA ILE B 279 8.75 14.68 -24.83
C ILE B 279 7.52 13.92 -25.20
N ILE B 280 7.64 12.58 -25.20
CA ILE B 280 6.63 11.73 -25.77
C ILE B 280 6.27 10.63 -24.80
N SER B 281 5.00 10.27 -24.79
CA SER B 281 4.49 9.25 -23.90
C SER B 281 3.96 8.07 -24.68
N VAL B 282 4.35 6.87 -24.25
CA VAL B 282 3.81 5.64 -24.79
C VAL B 282 3.23 4.80 -23.67
N GLY B 283 2.30 3.92 -23.99
CA GLY B 283 1.76 3.03 -22.98
C GLY B 283 0.27 3.04 -22.95
N GLU B 284 -0.31 4.09 -22.37
CA GLU B 284 -1.76 4.30 -22.30
C GLU B 284 -2.06 5.63 -22.94
N LYS B 285 -3.09 5.71 -23.79
CA LYS B 285 -3.49 6.97 -24.36
C LYS B 285 -4.03 7.92 -23.30
N HIS B 286 -3.60 9.17 -23.36
CA HIS B 286 -4.12 10.23 -22.49
C HIS B 286 -4.05 11.55 -23.23
N LYS B 287 -4.75 12.56 -22.73
CA LYS B 287 -4.63 13.92 -23.25
C LYS B 287 -3.17 14.42 -23.16
N ASP B 288 -2.77 15.19 -24.15
CA ASP B 288 -1.49 15.87 -24.14
C ASP B 288 -1.49 16.84 -22.95
N ILE B 289 -0.45 16.79 -22.14
CA ILE B 289 -0.39 17.58 -20.92
C ILE B 289 0.59 18.73 -21.11
N ALA B 290 0.13 19.95 -20.87
CA ALA B 290 0.98 21.13 -20.95
C ALA B 290 2.00 21.11 -19.82
N LEU B 291 3.27 21.34 -20.16
CA LEU B 291 4.34 21.29 -19.17
C LEU B 291 4.97 22.65 -18.85
N GLY B 292 4.52 23.70 -19.55
CA GLY B 292 5.17 24.99 -19.48
C GLY B 292 5.89 25.33 -20.78
N LYS B 293 6.08 26.63 -21.02
CA LYS B 293 6.81 27.14 -22.18
C LYS B 293 6.24 26.69 -23.52
N GLY B 294 4.96 26.33 -23.54
CA GLY B 294 4.33 25.82 -24.77
C GLY B 294 4.75 24.41 -25.14
N ILE B 295 5.46 23.75 -24.23
CA ILE B 295 5.89 22.37 -24.42
C ILE B 295 4.81 21.45 -23.85
N HIS B 296 4.48 20.39 -24.58
CA HIS B 296 3.54 19.38 -24.12
C HIS B 296 4.18 18.00 -23.98
N LEU B 297 3.66 17.20 -23.04
CA LEU B 297 3.91 15.76 -23.06
C LEU B 297 2.88 15.23 -24.05
N ASN B 298 3.36 14.76 -25.20
CA ASN B 298 2.48 14.25 -26.22
C ASN B 298 2.28 12.72 -26.10
N SER B 299 1.03 12.31 -26.11
CA SER B 299 0.65 10.94 -25.87
C SER B 299 0.49 10.18 -27.16
N LEU B 300 1.27 9.11 -27.34
CA LEU B 300 1.11 8.21 -28.49
C LEU B 300 0.30 6.96 -28.13
N GLY B 301 0.26 6.62 -26.84
CA GLY B 301 -0.54 5.50 -26.35
C GLY B 301 -0.05 4.12 -26.74
N LYS B 302 -0.96 3.26 -27.19
CA LYS B 302 -0.60 1.92 -27.62
C LYS B 302 -0.21 1.94 -29.09
N LEU B 303 1.06 1.65 -29.35
CA LEU B 303 1.60 1.59 -30.71
C LEU B 303 1.82 0.15 -31.10
N THR B 304 1.72 -0.13 -32.41
CA THR B 304 2.17 -1.41 -32.94
C THR B 304 3.63 -1.63 -32.50
N LEU B 305 4.06 -2.88 -32.43
CA LEU B 305 5.45 -3.17 -32.04
C LEU B 305 6.43 -2.52 -33.03
N GLU B 306 6.01 -2.41 -34.28
CA GLU B 306 6.80 -1.80 -35.33
C GLU B 306 7.05 -0.32 -35.06
N ASP B 307 5.98 0.42 -34.76
CA ASP B 307 6.08 1.86 -34.52
C ASP B 307 6.86 2.17 -33.25
N TYR B 308 6.68 1.31 -32.24
CA TYR B 308 7.38 1.43 -30.96
C TYR B 308 8.90 1.26 -31.19
N ALA B 309 9.27 0.25 -31.96
CA ALA B 309 10.67 0.00 -32.32
C ALA B 309 11.30 1.21 -33.02
N ASP B 310 10.56 1.82 -33.94
CA ASP B 310 11.06 2.98 -34.67
C ASP B 310 11.28 4.17 -33.72
N LEU B 311 10.36 4.34 -32.79
CA LEU B 311 10.45 5.37 -31.76
C LEU B 311 11.66 5.14 -30.86
N LEU B 312 11.83 3.90 -30.40
CA LEU B 312 12.99 3.50 -29.57
C LEU B 312 14.31 3.76 -30.28
N LYS B 313 14.38 3.44 -31.57
CA LYS B 313 15.59 3.69 -32.33
C LYS B 313 15.93 5.19 -32.43
N ARG B 314 14.91 6.04 -32.30
CA ARG B 314 15.10 7.50 -32.43
C ARG B 314 15.23 8.25 -31.12
N SER B 315 14.71 7.67 -30.03
CA SER B 315 14.73 8.36 -28.74
C SER B 315 16.06 8.20 -28.01
N SER B 316 16.43 9.20 -27.21
CA SER B 316 17.75 9.18 -26.59
C SER B 316 17.72 9.12 -25.07
N ILE B 317 16.60 9.53 -24.48
CA ILE B 317 16.41 9.48 -23.05
C ILE B 317 15.08 8.84 -22.74
N GLY B 318 15.06 7.97 -21.72
CA GLY B 318 13.83 7.31 -21.31
C GLY B 318 13.52 7.57 -19.85
N ILE B 319 12.23 7.58 -19.50
CA ILE B 319 11.78 7.54 -18.11
C ILE B 319 10.70 6.46 -17.95
N SER B 320 10.97 5.51 -17.05
CA SER B 320 10.07 4.40 -16.81
C SER B 320 10.16 4.00 -15.35
N LEU B 321 9.12 4.28 -14.57
CA LEU B 321 9.13 3.99 -13.14
C LEU B 321 8.33 2.73 -12.78
N MSE B 322 8.76 2.04 -11.73
CA MSE B 322 8.13 0.80 -11.32
C MSE B 322 8.24 0.65 -9.81
O MSE B 322 9.30 0.28 -9.27
CB MSE B 322 8.75 -0.38 -12.07
CG MSE B 322 8.15 -1.76 -11.77
SE MSE B 322 6.22 -1.93 -11.85
CE MSE B 322 5.82 -1.48 -13.66
N ILE B 323 7.15 0.99 -9.13
CA ILE B 323 7.15 0.95 -7.67
C ILE B 323 6.79 -0.46 -7.26
N SER B 324 7.81 -1.32 -7.16
CA SER B 324 7.66 -2.76 -7.04
C SER B 324 9.04 -3.36 -7.16
N PRO B 325 9.29 -4.52 -6.52
CA PRO B 325 10.59 -5.14 -6.70
C PRO B 325 10.80 -5.60 -8.14
N HIS B 326 9.71 -5.83 -8.88
CA HIS B 326 9.77 -6.24 -10.29
C HIS B 326 10.44 -5.17 -11.13
N PRO B 327 11.27 -5.59 -12.11
CA PRO B 327 12.00 -4.63 -12.94
C PRO B 327 11.13 -3.82 -13.90
N SER B 328 10.00 -4.39 -14.31
CA SER B 328 9.18 -3.93 -15.44
C SER B 328 9.95 -4.08 -16.75
N TYR B 329 9.23 -4.08 -17.85
CA TYR B 329 9.81 -4.36 -19.17
C TYR B 329 10.36 -3.14 -19.90
N PRO B 330 9.58 -2.02 -19.92
CA PRO B 330 10.05 -0.86 -20.69
C PRO B 330 11.47 -0.34 -20.38
N PRO B 331 11.90 -0.29 -19.09
CA PRO B 331 13.30 0.15 -18.84
C PRO B 331 14.31 -0.70 -19.60
N LEU B 332 14.07 -2.00 -19.63
CA LEU B 332 14.98 -2.96 -20.21
C LEU B 332 14.97 -2.83 -21.72
N GLU B 333 13.79 -2.53 -22.27
CA GLU B 333 13.61 -2.36 -23.72
C GLU B 333 14.37 -1.11 -24.18
N MSE B 334 14.16 -0.02 -23.45
CA MSE B 334 14.77 1.26 -23.75
C MSE B 334 16.29 1.19 -23.66
O MSE B 334 16.97 1.66 -24.57
CB MSE B 334 14.23 2.32 -22.77
CG MSE B 334 12.78 2.73 -22.98
SE MSE B 334 12.16 3.76 -21.46
CE MSE B 334 10.40 4.26 -22.08
N ALA B 335 16.81 0.60 -22.59
CA ALA B 335 18.27 0.45 -22.41
C ALA B 335 18.95 -0.34 -23.53
N HIS B 336 18.25 -1.29 -24.14
CA HIS B 336 18.82 -2.07 -25.23
C HIS B 336 18.73 -1.35 -26.57
N PHE B 337 17.91 -0.30 -26.64
CA PHE B 337 17.85 0.52 -27.84
C PHE B 337 18.70 1.80 -27.78
N GLY B 338 19.63 1.85 -26.82
CA GLY B 338 20.54 2.98 -26.67
C GLY B 338 20.05 4.16 -25.85
N LEU B 339 18.89 4.04 -25.22
CA LEU B 339 18.40 5.13 -24.39
C LEU B 339 19.12 5.18 -23.06
N ARG B 340 19.46 6.38 -22.62
CA ARG B 340 19.78 6.60 -21.21
C ARG B 340 18.43 6.62 -20.48
N VAL B 341 18.25 5.67 -19.55
CA VAL B 341 16.97 5.46 -18.87
C VAL B 341 17.01 5.85 -17.38
N ILE B 342 16.05 6.68 -16.99
CA ILE B 342 15.79 6.98 -15.59
C ILE B 342 14.75 6.01 -15.04
N THR B 343 15.14 5.28 -14.00
CA THR B 343 14.17 4.41 -13.30
C THR B 343 14.43 4.46 -11.79
N ASN B 344 13.67 3.69 -11.02
CA ASN B 344 13.81 3.77 -9.55
C ASN B 344 14.36 2.50 -8.93
N LYS B 345 15.12 2.65 -7.84
CA LYS B 345 15.39 1.52 -6.95
C LYS B 345 14.12 1.17 -6.18
N TYR B 346 13.99 -0.09 -5.82
CA TYR B 346 12.98 -0.52 -4.87
C TYR B 346 13.54 -1.71 -4.14
N GLU B 347 13.91 -1.48 -2.87
CA GLU B 347 14.52 -2.51 -2.01
C GLU B 347 15.64 -3.27 -2.70
N ASN B 348 15.48 -4.58 -2.92
CA ASN B 348 16.51 -5.39 -3.55
C ASN B 348 16.78 -5.10 -5.04
N LYS B 349 15.87 -4.37 -5.68
CA LYS B 349 16.02 -4.00 -7.08
C LYS B 349 16.82 -2.72 -7.25
N ASP B 350 17.90 -2.83 -8.01
CA ASP B 350 18.67 -1.71 -8.50
C ASP B 350 19.13 -2.03 -9.93
N LEU B 351 18.41 -1.51 -10.92
CA LEU B 351 18.69 -1.85 -12.32
C LEU B 351 19.95 -1.21 -12.90
N SER B 352 20.60 -0.30 -12.17
CA SER B 352 21.84 0.33 -12.66
C SER B 352 23.02 -0.65 -12.66
N ASN B 353 22.86 -1.77 -11.96
CA ASN B 353 23.83 -2.86 -11.93
C ASN B 353 23.67 -3.82 -13.12
N TRP B 354 22.51 -3.75 -13.78
CA TRP B 354 22.16 -4.62 -14.91
C TRP B 354 22.69 -4.09 -16.26
N HIS B 355 22.63 -2.77 -16.45
CA HIS B 355 22.96 -2.19 -17.76
C HIS B 355 23.47 -0.76 -17.60
N SER B 356 24.54 -0.45 -18.33
CA SER B 356 25.22 0.84 -18.19
C SER B 356 24.35 2.03 -18.56
N ASN B 357 23.37 1.82 -19.43
CA ASN B 357 22.41 2.87 -19.86
C ASN B 357 21.31 3.23 -18.84
N ILE B 358 21.22 2.48 -17.74
CA ILE B 358 20.16 2.69 -16.77
C ILE B 358 20.68 3.50 -15.59
N VAL B 359 20.01 4.61 -15.30
CA VAL B 359 20.27 5.36 -14.07
C VAL B 359 19.15 5.11 -13.03
N SER B 360 19.56 4.66 -11.85
N SER B 360 19.58 4.70 -11.84
CA SER B 360 18.60 4.34 -10.81
CA SER B 360 18.64 4.32 -10.79
C SER B 360 18.62 5.38 -9.71
C SER B 360 18.62 5.36 -9.67
N LEU B 361 17.44 5.86 -9.34
CA LEU B 361 17.30 6.89 -8.31
C LEU B 361 16.88 6.29 -6.98
N GLU B 362 17.70 6.54 -5.95
CA GLU B 362 17.39 6.13 -4.58
C GLU B 362 16.31 7.06 -3.96
N GLN B 363 16.52 8.36 -4.10
CA GLN B 363 15.56 9.36 -3.61
C GLN B 363 14.62 9.79 -4.75
N LEU B 364 13.36 9.39 -4.67
CA LEU B 364 12.44 9.61 -5.80
C LEU B 364 11.48 10.76 -5.55
N ASN B 365 11.86 11.94 -6.05
CA ASN B 365 10.98 13.08 -6.01
C ASN B 365 11.08 13.82 -7.34
N PRO B 366 10.15 14.77 -7.60
CA PRO B 366 10.18 15.47 -8.88
C PRO B 366 11.50 16.22 -9.13
N GLU B 367 12.05 16.81 -8.07
CA GLU B 367 13.34 17.51 -8.16
C GLU B 367 14.50 16.62 -8.59
N ASN B 368 14.65 15.44 -7.99
CA ASN B 368 15.77 14.56 -8.35
C ASN B 368 15.63 14.05 -9.77
N ILE B 369 14.40 13.70 -10.17
CA ILE B 369 14.15 13.26 -11.52
C ILE B 369 14.52 14.38 -12.51
N ALA B 370 13.97 15.58 -12.29
CA ALA B 370 14.27 16.74 -13.13
C ALA B 370 15.77 16.98 -13.22
N GLU B 371 16.46 16.99 -12.07
CA GLU B 371 17.92 17.19 -12.05
C GLU B 371 18.63 16.11 -12.87
N THR B 372 18.16 14.87 -12.79
CA THR B 372 18.79 13.79 -13.54
C THR B 372 18.59 14.00 -15.05
N LEU B 373 17.38 14.35 -15.42
CA LEU B 373 17.04 14.69 -16.77
C LEU B 373 17.93 15.81 -17.36
N VAL B 374 18.25 16.81 -16.54
CA VAL B 374 19.13 17.89 -16.99
C VAL B 374 20.50 17.31 -17.30
N GLU B 375 21.03 16.47 -16.41
CA GLU B 375 22.35 15.89 -16.60
C GLU B 375 22.42 15.05 -17.88
N LEU B 376 21.38 14.23 -18.10
CA LEU B 376 21.31 13.39 -19.29
C LEU B 376 21.16 14.21 -20.58
N CYS B 377 20.40 15.30 -20.53
CA CYS B 377 20.30 16.18 -21.69
C CYS B 377 21.66 16.75 -22.06
N MSE B 378 22.41 17.19 -21.06
CA MSE B 378 23.74 17.76 -21.27
C MSE B 378 24.73 16.70 -21.76
O MSE B 378 25.69 17.02 -22.48
CB MSE B 378 24.22 18.44 -19.98
CG MSE B 378 23.41 19.69 -19.56
SE MSE B 378 23.78 21.30 -20.63
CE MSE B 378 25.70 21.40 -20.22
N SER B 379 24.48 15.45 -21.36
CA SER B 379 25.23 14.28 -21.82
C SER B 379 25.08 13.99 -23.32
N PHE B 380 23.89 14.28 -23.87
CA PHE B 380 23.61 14.08 -25.28
C PHE B 380 24.63 14.87 -26.10
N ASN B 381 25.13 15.93 -25.46
CA ASN B 381 26.20 16.80 -25.99
C ASN B 381 25.66 17.80 -27.02
N GLU B 389 26.50 0.66 -23.69
CA GLU B 389 27.55 -0.17 -24.27
C GLU B 389 28.14 -1.21 -23.29
N SER B 390 27.50 -1.39 -22.13
CA SER B 390 27.91 -2.44 -21.19
C SER B 390 26.71 -3.07 -20.49
N SER B 391 26.53 -4.38 -20.70
CA SER B 391 25.39 -5.15 -20.18
C SER B 391 25.85 -6.26 -19.25
N ASN B 392 25.15 -6.44 -18.14
CA ASN B 392 25.34 -7.62 -17.30
C ASN B 392 24.09 -8.51 -17.24
N MSE B 393 23.10 -8.18 -18.07
CA MSE B 393 21.86 -8.95 -18.17
C MSE B 393 21.72 -9.58 -19.56
O MSE B 393 20.82 -9.22 -20.34
CB MSE B 393 20.65 -8.05 -17.86
CG MSE B 393 20.80 -6.65 -18.40
SE MSE B 393 19.17 -5.65 -18.67
CE MSE B 393 17.90 -7.10 -18.87
N MSE B 394 22.62 -10.53 -19.86
CA MSE B 394 22.65 -11.19 -21.16
C MSE B 394 21.43 -12.08 -21.44
O MSE B 394 20.98 -12.17 -22.58
CB MSE B 394 23.96 -11.98 -21.36
CG MSE B 394 25.22 -11.10 -21.60
SE MSE B 394 25.11 -9.75 -23.06
CE MSE B 394 25.40 -10.89 -24.61
N PHE B 395 20.92 -12.73 -20.39
CA PHE B 395 19.71 -13.56 -20.49
C PHE B 395 18.63 -12.90 -21.35
N TYR B 396 18.51 -11.58 -21.24
CA TYR B 396 17.41 -10.82 -21.81
C TYR B 396 17.27 -10.91 -23.34
N ILE B 397 18.40 -11.02 -24.04
CA ILE B 397 18.42 -11.04 -25.49
C ILE B 397 18.92 -12.35 -26.12
N ASN B 398 19.18 -13.37 -25.29
CA ASN B 398 19.79 -14.61 -25.79
C ASN B 398 18.87 -15.83 -25.74
N GLU B 402 12.80 -19.95 -21.73
CA GLU B 402 12.40 -19.17 -20.55
C GLU B 402 11.64 -19.99 -19.50
N PHE B 403 10.97 -21.04 -19.98
CA PHE B 403 10.19 -21.95 -19.12
C PHE B 403 10.83 -23.34 -19.08
N SER B 404 12.10 -23.37 -18.66
CA SER B 404 12.91 -24.59 -18.66
C SER B 404 12.53 -25.58 -17.56
N PHE B 405 11.70 -25.13 -16.63
CA PHE B 405 11.35 -25.90 -15.44
C PHE B 405 9.99 -26.59 -15.55
N ILE B 406 9.30 -26.41 -16.68
CA ILE B 406 7.93 -26.91 -16.85
C ILE B 406 7.88 -28.42 -16.63
N LYS B 407 8.80 -29.14 -17.26
CA LYS B 407 8.92 -30.59 -17.11
C LYS B 407 9.10 -31.03 -15.66
N GLU B 408 10.06 -30.42 -14.96
CA GLU B 408 10.27 -30.69 -13.55
C GLU B 408 9.00 -30.44 -12.72
N ILE B 409 8.23 -29.43 -13.10
CA ILE B 409 6.93 -29.19 -12.47
C ILE B 409 5.90 -30.26 -12.84
N GLU B 410 5.85 -30.63 -14.13
CA GLU B 410 4.92 -31.66 -14.60
C GLU B 410 5.07 -32.95 -13.80
N GLU B 411 6.31 -33.40 -13.63
CA GLU B 411 6.62 -34.62 -12.87
C GLU B 411 6.20 -34.50 -11.40
N LYS B 412 6.01 -33.28 -10.94
CA LYS B 412 5.82 -33.02 -9.53
C LYS B 412 4.35 -32.81 -9.16
N LEU B 413 3.51 -32.60 -10.18
CA LEU B 413 2.09 -32.23 -9.97
C LEU B 413 1.17 -33.45 -9.87
C1 GOL C . -6.48 2.51 16.01
O1 GOL C . -5.85 2.58 14.74
C2 GOL C . -6.09 3.70 16.88
O2 GOL C . -4.75 3.59 17.31
C3 GOL C . -7.00 3.77 18.11
O3 GOL C . -7.86 4.88 18.03
C1 GOL D . -6.68 4.93 5.57
O1 GOL D . -8.00 4.42 5.45
C2 GOL D . -5.65 3.86 5.99
O2 GOL D . -5.95 3.35 7.25
C3 GOL D . -5.57 2.68 5.01
O3 GOL D . -4.26 2.26 4.66
C1 GOL E . 4.41 -3.02 1.89
O1 GOL E . 5.73 -3.35 2.32
C2 GOL E . 4.29 -1.50 2.00
O2 GOL E . 5.49 -1.09 2.60
C3 GOL E . 3.17 -1.05 2.93
O3 GOL E . 1.98 -0.68 2.23
#